data_5XTL
#
_entry.id   5XTL
#
_cell.length_a   101.578
_cell.length_b   186.086
_cell.length_c   98.835
_cell.angle_alpha   90.00
_cell.angle_beta   90.00
_cell.angle_gamma   90.00
#
_symmetry.space_group_name_H-M   'C 2 2 21'
#
loop_
_entity.id
_entity.type
_entity.pdbx_description
1 polymer Transketolase
2 non-polymer 'PROPYL TRIHYDROGEN DIPHOSPHATE'
3 non-polymer 'CALCIUM ION'
4 non-polymer DI(HYDROXYETHYL)ETHER
5 non-polymer 2-methylpyrimidin-4-amine
6 water water
#
_entity_poly.entity_id   1
_entity_poly.type   'polypeptide(L)'
_entity_poly.pdbx_seq_one_letter_code
;MGSSHHHHHHSSGLVPRGSHMSSVDQKAISTIRLLAVDAVAAANSGHPGAPLGLAPAAHAVFKKMRFNPKDTKWINRDRF
VLSNGHACALLYSMLVLYGYDLTVEDLKKFRQLGSKTPGHPENTDVPGAEVTTGPLGQGICNGVGIALAQAQFAATYNKP
DFPISDSYTYVFLGDG(OCS)LMEGVSSEASSLAGHLQLGNLIAFWDDNKISIDGSTEVAFTEDVIARYKSYGWHIVEVS
DADTDITAIAAAIDEAKKVTNKPTLVRLTTTIGFGSLAQGTHGVHGAPLKADDIKQLKTKWGFNPEESFAVPAEVTASYN
EHVAENQKIQQQWNELFAAYKQKYPELGAELQRRLDGKLPENWDKALPVYTPADAAVATRKLSEIVLSKIIPEVPEIIGG
SADLTPSNLTKAKGTVDFQPAATGLGDYSGRYIRYGVREHAMGAIMNGIAAFGANYKNYGGTFLNFVSYAAGAVRLSALS
EFPITWVATHDSIGLGEDGPTHQPIETLAHFRATPNISVWRPADGNETSAAYKSAIESTHTPHILALTRQNLPQLEGSSI
EKASKGGYTLVQQDKADIIIVATGSEVSLAVDALKVLEGQGIKAGVVSLPDQLTFDKQSEEYKLSVLPDGVPILSVEVMS
TFGWSKYSHQQFGLNRFGASGKAPEIFKLFEFTPEGVAERAAKTVAFYKGKDVVSPLRSAF
;
_entity_poly.pdbx_strand_id   A
#
loop_
_chem_comp.id
_chem_comp.type
_chem_comp.name
_chem_comp.formula
8GF non-polymer 2-methylpyrimidin-4-amine 'C5 H7 N3'
CA non-polymer 'CALCIUM ION' 'Ca 2'
P23 non-polymer 'PROPYL TRIHYDROGEN DIPHOSPHATE' 'C3 H10 O7 P2'
PEG non-polymer DI(HYDROXYETHYL)ETHER 'C4 H10 O3'
#
# COMPACT_ATOMS: atom_id res chain seq x y z
N SER A 23 10.58 33.10 -23.70
CA SER A 23 10.91 31.84 -24.35
C SER A 23 9.74 30.86 -24.26
N VAL A 24 9.81 29.78 -25.03
CA VAL A 24 8.75 28.79 -24.93
C VAL A 24 8.76 28.12 -23.55
N ASP A 25 9.93 27.93 -22.96
CA ASP A 25 9.98 27.36 -21.62
C ASP A 25 9.27 28.27 -20.61
N GLN A 26 9.51 29.59 -20.70
CA GLN A 26 8.84 30.51 -19.80
C GLN A 26 7.34 30.49 -20.04
N LYS A 27 6.92 30.41 -21.31
CA LYS A 27 5.51 30.32 -21.61
C LYS A 27 4.90 29.04 -21.07
N ALA A 28 5.62 27.93 -21.14
CA ALA A 28 5.13 26.66 -20.59
C ALA A 28 4.92 26.77 -19.09
N ILE A 29 5.89 27.37 -18.39
CA ILE A 29 5.77 27.52 -16.94
C ILE A 29 4.55 28.37 -16.59
N SER A 30 4.35 29.48 -17.31
CA SER A 30 3.16 30.29 -17.08
C SER A 30 1.88 29.52 -17.35
N THR A 31 1.90 28.70 -18.42
CA THR A 31 0.73 27.89 -18.75
C THR A 31 0.39 26.95 -17.62
N ILE A 32 1.38 26.25 -17.11
CA ILE A 32 1.19 25.34 -15.99
C ILE A 32 0.58 26.06 -14.79
N ARG A 33 1.21 27.19 -14.43
CA ARG A 33 0.74 27.98 -13.29
C ARG A 33 -0.71 28.38 -13.47
N LEU A 34 -1.05 28.89 -14.65
CA LEU A 34 -2.40 29.41 -14.86
C LEU A 34 -3.44 28.31 -15.02
N LEU A 35 -3.06 27.13 -15.59
CA LEU A 35 -3.99 26.01 -15.59
C LEU A 35 -4.34 25.61 -14.17
N ALA A 36 -3.33 25.54 -13.29
CA ALA A 36 -3.57 25.13 -11.92
C ALA A 36 -4.46 26.14 -11.19
N VAL A 37 -4.18 27.43 -11.35
CA VAL A 37 -4.96 28.47 -10.69
C VAL A 37 -6.39 28.48 -11.22
N ASP A 38 -6.54 28.32 -12.55
CA ASP A 38 -7.88 28.31 -13.14
C ASP A 38 -8.68 27.10 -12.70
N ALA A 39 -8.02 25.95 -12.51
CA ALA A 39 -8.72 24.75 -12.02
C ALA A 39 -9.24 24.98 -10.60
N VAL A 40 -8.37 25.50 -9.72
CA VAL A 40 -8.80 25.84 -8.38
C VAL A 40 -9.94 26.85 -8.40
N ALA A 41 -9.85 27.84 -9.29
CA ALA A 41 -10.88 28.85 -9.38
C ALA A 41 -12.22 28.26 -9.79
N ALA A 42 -12.21 27.34 -10.77
CA ALA A 42 -13.44 26.74 -11.24
C ALA A 42 -14.11 25.92 -10.14
N ALA A 43 -13.31 25.22 -9.35
CA ALA A 43 -13.84 24.41 -8.26
C ALA A 43 -14.23 25.26 -7.06
N ASN A 44 -13.68 26.46 -6.96
CA ASN A 44 -13.75 27.26 -5.75
C ASN A 44 -13.30 26.45 -4.53
N SER A 45 -12.27 25.63 -4.73
CA SER A 45 -11.76 24.74 -3.72
C SER A 45 -10.39 24.29 -4.20
N GLY A 46 -9.48 24.11 -3.26
CA GLY A 46 -8.19 23.54 -3.56
C GLY A 46 -7.05 24.50 -3.27
N HIS A 47 -5.88 24.12 -3.78
CA HIS A 47 -4.60 24.59 -3.27
C HIS A 47 -3.78 25.18 -4.40
N PRO A 48 -3.72 26.52 -4.52
CA PRO A 48 -2.97 27.12 -5.64
C PRO A 48 -1.52 27.44 -5.33
N GLY A 49 -1.14 27.48 -4.04
CA GLY A 49 0.15 28.03 -3.68
C GLY A 49 1.32 27.17 -4.12
N ALA A 50 1.32 25.89 -3.74
CA ALA A 50 2.42 25.02 -4.13
C ALA A 50 2.47 24.82 -5.64
N PRO A 51 1.34 24.69 -6.35
CA PRO A 51 1.45 24.64 -7.82
C PRO A 51 2.15 25.84 -8.42
N LEU A 52 1.84 27.05 -7.94
CA LEU A 52 2.53 28.24 -8.42
C LEU A 52 4.02 28.19 -8.14
N GLY A 53 4.40 27.74 -6.94
CA GLY A 53 5.81 27.71 -6.58
C GLY A 53 6.60 26.62 -7.27
N LEU A 54 5.95 25.48 -7.58
CA LEU A 54 6.65 24.31 -8.12
C LEU A 54 6.55 24.19 -9.63
N ALA A 55 5.83 25.07 -10.32
CA ALA A 55 5.72 24.94 -11.78
C ALA A 55 7.07 24.93 -12.48
N PRO A 56 8.04 25.78 -12.12
CA PRO A 56 9.34 25.69 -12.83
C PRO A 56 9.99 24.34 -12.66
N ALA A 57 10.00 23.83 -11.43
CA ALA A 57 10.58 22.52 -11.18
C ALA A 57 9.82 21.42 -11.93
N ALA A 58 8.48 21.47 -11.93
CA ALA A 58 7.72 20.47 -12.64
C ALA A 58 8.07 20.48 -14.13
N HIS A 59 8.14 21.67 -14.72
CA HIS A 59 8.53 21.77 -16.12
C HIS A 59 9.91 21.13 -16.34
N ALA A 60 10.87 21.48 -15.51
CA ALA A 60 12.23 20.98 -15.68
C ALA A 60 12.32 19.48 -15.51
N VAL A 61 11.64 18.94 -14.49
CA VAL A 61 11.71 17.51 -14.23
C VAL A 61 11.04 16.72 -15.34
N PHE A 62 9.84 17.14 -15.76
CA PHE A 62 9.17 16.38 -16.80
C PHE A 62 9.94 16.42 -18.12
N LYS A 63 10.68 17.50 -18.39
CA LYS A 63 11.53 17.55 -19.58
C LYS A 63 12.67 16.54 -19.51
N LYS A 64 13.12 16.18 -18.31
CA LYS A 64 14.17 15.17 -18.14
C LYS A 64 13.62 13.76 -18.07
N MET A 65 12.34 13.59 -17.77
CA MET A 65 11.76 12.26 -17.58
C MET A 65 11.46 11.59 -18.91
N ARG A 66 11.61 10.27 -18.90
CA ARG A 66 11.20 9.38 -19.98
C ARG A 66 9.86 8.73 -19.61
N PHE A 67 8.84 8.95 -20.44
CA PHE A 67 7.51 8.46 -20.19
C PHE A 67 6.76 8.48 -21.51
N ASN A 68 5.71 7.68 -21.58
CA ASN A 68 4.82 7.66 -22.74
C ASN A 68 3.40 7.93 -22.25
N PRO A 69 2.82 9.09 -22.57
CA PRO A 69 1.43 9.35 -22.17
C PRO A 69 0.43 8.36 -22.71
N LYS A 70 0.79 7.65 -23.80
CA LYS A 70 -0.06 6.64 -24.38
C LYS A 70 0.26 5.24 -23.89
N ASP A 71 1.25 5.08 -23.01
CA ASP A 71 1.51 3.77 -22.39
C ASP A 71 2.02 4.05 -20.98
N THR A 72 1.07 4.22 -20.06
CA THR A 72 1.39 4.58 -18.70
C THR A 72 2.06 3.46 -17.95
N LYS A 73 2.09 2.25 -18.50
CA LYS A 73 2.65 1.10 -17.81
C LYS A 73 4.00 0.65 -18.35
N TRP A 74 4.61 1.40 -19.28
CA TRP A 74 5.93 1.04 -19.78
C TRP A 74 6.87 0.80 -18.60
N ILE A 75 7.47 -0.40 -18.50
CA ILE A 75 8.11 -0.76 -17.25
C ILE A 75 9.42 -0.01 -17.03
N ASN A 76 10.02 0.57 -18.09
CA ASN A 76 11.24 1.34 -17.95
C ASN A 76 11.01 2.85 -17.94
N ARG A 77 9.77 3.29 -17.72
CA ARG A 77 9.54 4.72 -17.58
C ARG A 77 10.20 5.24 -16.31
N ASP A 78 10.59 6.50 -16.33
CA ASP A 78 10.84 7.18 -15.07
C ASP A 78 9.50 7.37 -14.37
N ARG A 79 9.50 7.28 -13.04
CA ARG A 79 8.29 7.51 -12.25
C ARG A 79 8.35 8.88 -11.59
N PHE A 80 7.22 9.56 -11.52
CA PHE A 80 7.06 10.81 -10.80
C PHE A 80 6.03 10.59 -9.70
N VAL A 81 6.34 11.08 -8.49
CA VAL A 81 5.40 11.06 -7.37
C VAL A 81 5.26 12.45 -6.79
N LEU A 82 4.03 12.95 -6.75
CA LEU A 82 3.69 14.20 -6.07
C LEU A 82 3.32 13.85 -4.64
N SER A 83 4.29 13.88 -3.71
CA SER A 83 4.01 13.48 -2.34
C SER A 83 3.20 14.53 -1.61
N ASN A 84 3.40 15.79 -1.97
CA ASN A 84 2.55 16.87 -1.45
C ASN A 84 1.25 16.94 -2.28
N GLY A 85 0.39 15.94 -2.06
CA GLY A 85 -0.71 15.64 -2.98
C GLY A 85 -1.75 16.74 -3.09
N HIS A 86 -1.84 17.60 -2.07
CA HIS A 86 -2.74 18.74 -2.17
C HIS A 86 -2.40 19.63 -3.35
N ALA A 87 -1.14 19.58 -3.84
CA ALA A 87 -0.69 20.36 -4.97
C ALA A 87 -1.09 19.73 -6.30
N CYS A 88 -2.07 18.82 -6.29
CA CYS A 88 -2.36 18.02 -7.48
C CYS A 88 -2.86 18.82 -8.65
N ALA A 89 -3.36 20.07 -8.50
CA ALA A 89 -3.65 20.82 -9.71
C ALA A 89 -2.41 20.93 -10.58
N LEU A 90 -1.23 20.95 -9.97
CA LEU A 90 0.03 20.96 -10.72
C LEU A 90 0.23 19.65 -11.50
N LEU A 91 0.06 18.51 -10.83
CA LEU A 91 0.19 17.21 -11.51
C LEU A 91 -0.81 17.10 -12.66
N TYR A 92 -2.07 17.45 -12.40
CA TYR A 92 -3.07 17.32 -13.47
C TYR A 92 -2.74 18.21 -14.65
N SER A 93 -2.21 19.41 -14.38
CA SER A 93 -1.83 20.30 -15.46
C SER A 93 -0.71 19.70 -16.31
N MET A 94 0.28 19.07 -15.67
CA MET A 94 1.35 18.43 -16.44
C MET A 94 0.81 17.28 -17.31
N LEU A 95 -0.06 16.47 -16.73
CA LEU A 95 -0.61 15.34 -17.46
C LEU A 95 -1.43 15.79 -18.65
N VAL A 96 -2.23 16.86 -18.48
CA VAL A 96 -3.00 17.41 -19.58
C VAL A 96 -2.07 17.94 -20.66
N LEU A 97 -1.06 18.72 -20.27
CA LEU A 97 -0.19 19.32 -21.28
C LEU A 97 0.57 18.28 -22.07
N TYR A 98 0.92 17.16 -21.48
CA TYR A 98 1.65 16.08 -22.14
C TYR A 98 0.75 15.09 -22.85
N GLY A 99 -0.56 15.27 -22.82
CA GLY A 99 -1.43 14.43 -23.62
C GLY A 99 -1.67 13.05 -23.03
N TYR A 100 -1.60 12.92 -21.71
CA TYR A 100 -2.18 11.77 -21.06
C TYR A 100 -3.68 11.77 -21.30
N ASP A 101 -4.37 10.71 -20.85
CA ASP A 101 -5.82 10.57 -21.00
C ASP A 101 -6.56 11.43 -19.96
N LEU A 102 -6.31 12.74 -20.05
CA LEU A 102 -6.82 13.75 -19.13
C LEU A 102 -6.78 15.04 -19.93
N THR A 103 -7.87 15.78 -19.93
CA THR A 103 -8.01 16.93 -20.80
C THR A 103 -8.31 18.20 -20.00
N VAL A 104 -8.27 19.33 -20.71
CA VAL A 104 -8.70 20.59 -20.12
C VAL A 104 -10.13 20.49 -19.61
N GLU A 105 -10.99 19.74 -20.30
CA GLU A 105 -12.36 19.56 -19.80
C GLU A 105 -12.38 18.85 -18.45
N ASP A 106 -11.46 17.90 -18.24
CA ASP A 106 -11.33 17.30 -16.92
C ASP A 106 -10.84 18.32 -15.88
N LEU A 107 -9.89 19.20 -16.26
CA LEU A 107 -9.43 20.21 -15.32
C LEU A 107 -10.55 21.13 -14.89
N LYS A 108 -11.47 21.42 -15.80
CA LYS A 108 -12.61 22.26 -15.45
C LYS A 108 -13.50 21.60 -14.41
N LYS A 109 -13.38 20.28 -14.24
CA LYS A 109 -14.16 19.50 -13.30
C LYS A 109 -13.34 19.09 -12.09
N PHE A 110 -12.24 19.79 -11.84
CA PHE A 110 -11.43 19.56 -10.65
C PHE A 110 -12.31 19.56 -9.41
N ARG A 111 -12.16 18.55 -8.57
CA ARG A 111 -12.83 18.48 -7.29
C ARG A 111 -14.34 18.32 -7.41
N GLN A 112 -14.85 17.95 -8.59
CA GLN A 112 -16.29 17.76 -8.76
CA GLN A 112 -16.29 17.76 -8.82
C GLN A 112 -16.63 16.28 -8.77
N LEU A 113 -17.80 15.96 -8.21
CA LEU A 113 -18.19 14.58 -8.01
C LEU A 113 -18.10 13.78 -9.31
N GLY A 114 -17.38 12.66 -9.25
CA GLY A 114 -17.25 11.78 -10.39
C GLY A 114 -16.19 12.16 -11.40
N SER A 115 -15.44 13.23 -11.19
CA SER A 115 -14.48 13.65 -12.20
C SER A 115 -13.20 12.82 -12.15
N LYS A 116 -12.38 12.97 -13.20
CA LYS A 116 -11.07 12.35 -13.29
C LYS A 116 -10.01 13.20 -12.62
N THR A 117 -10.41 14.26 -11.94
CA THR A 117 -9.49 15.20 -11.30
C THR A 117 -9.91 15.42 -9.85
N PRO A 118 -9.83 14.36 -9.02
CA PRO A 118 -10.20 14.49 -7.61
C PRO A 118 -9.24 15.41 -6.84
N GLY A 119 -9.67 15.86 -5.66
CA GLY A 119 -8.92 16.84 -4.90
C GLY A 119 -7.58 16.38 -4.38
N HIS A 120 -7.32 15.07 -4.35
CA HIS A 120 -6.00 14.49 -4.15
C HIS A 120 -5.83 13.35 -5.15
N PRO A 121 -4.62 13.13 -5.65
CA PRO A 121 -4.48 12.17 -6.77
C PRO A 121 -4.72 10.75 -6.33
N GLU A 122 -5.45 10.00 -7.16
CA GLU A 122 -5.81 8.60 -6.92
C GLU A 122 -5.31 7.76 -8.09
N ASN A 123 -4.47 6.77 -7.81
CA ASN A 123 -3.92 5.95 -8.90
C ASN A 123 -5.00 5.14 -9.59
N THR A 124 -6.10 4.80 -8.92
CA THR A 124 -7.14 4.02 -9.58
C THR A 124 -7.91 4.84 -10.61
N ASP A 125 -7.90 6.18 -10.49
CA ASP A 125 -8.77 7.06 -11.24
C ASP A 125 -8.05 7.99 -12.20
N VAL A 126 -6.78 8.28 -11.96
CA VAL A 126 -6.06 9.34 -12.67
C VAL A 126 -4.95 8.71 -13.50
N PRO A 127 -5.06 8.70 -14.83
N PRO A 127 -5.00 8.79 -14.83
CA PRO A 127 -3.95 8.23 -15.66
CA PRO A 127 -3.91 8.25 -15.64
C PRO A 127 -2.68 9.05 -15.39
C PRO A 127 -2.65 9.06 -15.40
N GLY A 128 -1.55 8.37 -15.11
CA GLY A 128 -0.30 9.04 -14.79
C GLY A 128 -0.07 9.32 -13.30
N ALA A 129 -1.04 9.01 -12.45
CA ALA A 129 -0.84 9.06 -11.00
C ALA A 129 -0.35 7.68 -10.56
N GLU A 130 0.92 7.60 -10.14
CA GLU A 130 1.50 6.28 -9.83
C GLU A 130 0.95 5.70 -8.53
N VAL A 131 0.60 6.57 -7.59
CA VAL A 131 0.19 6.22 -6.25
C VAL A 131 -0.89 7.22 -5.84
N THR A 132 -1.54 6.93 -4.70
CA THR A 132 -2.54 7.82 -4.12
C THR A 132 -1.89 8.62 -3.00
N THR A 133 -1.87 9.94 -3.15
CA THR A 133 -1.24 10.78 -2.17
C THR A 133 -2.28 11.78 -1.64
N GLY A 134 -1.85 12.63 -0.71
CA GLY A 134 -2.80 13.47 0.01
C GLY A 134 -2.54 13.38 1.50
N PRO A 135 -2.52 12.17 2.05
CA PRO A 135 -2.04 11.99 3.42
C PRO A 135 -0.54 12.21 3.45
N LEU A 136 -0.10 13.19 4.23
CA LEU A 136 1.27 13.66 4.12
C LEU A 136 2.26 12.60 4.56
N GLY A 137 3.43 12.62 3.92
CA GLY A 137 4.49 11.70 4.18
C GLY A 137 4.48 10.44 3.33
N GLN A 138 3.34 10.06 2.79
CA GLN A 138 3.22 8.77 2.12
C GLN A 138 4.00 8.72 0.81
N GLY A 139 3.86 9.75 -0.03
CA GLY A 139 4.39 9.68 -1.38
C GLY A 139 5.90 9.51 -1.43
N ILE A 140 6.63 10.19 -0.56
CA ILE A 140 8.09 10.00 -0.55
C ILE A 140 8.43 8.57 -0.20
N CYS A 141 7.71 7.98 0.76
CA CYS A 141 7.94 6.57 1.07
C CYS A 141 7.57 5.66 -0.09
N ASN A 142 6.47 5.98 -0.78
CA ASN A 142 6.14 5.24 -1.99
C ASN A 142 7.26 5.34 -3.01
N GLY A 143 7.86 6.52 -3.14
CA GLY A 143 9.00 6.69 -4.02
C GLY A 143 10.19 5.83 -3.63
N VAL A 144 10.46 5.74 -2.33
CA VAL A 144 11.48 4.81 -1.87
C VAL A 144 11.16 3.39 -2.34
N GLY A 145 9.91 2.96 -2.22
CA GLY A 145 9.55 1.62 -2.65
C GLY A 145 9.63 1.42 -4.16
N ILE A 146 9.22 2.42 -4.94
CA ILE A 146 9.40 2.33 -6.40
C ILE A 146 10.87 2.18 -6.73
N ALA A 147 11.74 2.96 -6.06
CA ALA A 147 13.18 2.90 -6.32
C ALA A 147 13.78 1.58 -5.85
N LEU A 148 13.31 1.07 -4.71
CA LEU A 148 13.77 -0.22 -4.23
C LEU A 148 13.42 -1.31 -5.23
N ALA A 149 12.16 -1.34 -5.67
CA ALA A 149 11.73 -2.29 -6.69
C ALA A 149 12.57 -2.15 -7.96
N GLN A 150 12.81 -0.92 -8.42
CA GLN A 150 13.59 -0.77 -9.64
C GLN A 150 14.98 -1.37 -9.48
N ALA A 151 15.61 -1.16 -8.32
CA ALA A 151 16.95 -1.71 -8.10
C ALA A 151 16.91 -3.24 -8.08
N GLN A 152 15.90 -3.80 -7.42
CA GLN A 152 15.77 -5.26 -7.35
C GLN A 152 15.50 -5.84 -8.74
N PHE A 153 14.61 -5.19 -9.49
CA PHE A 153 14.24 -5.61 -10.83
C PHE A 153 15.44 -5.56 -11.77
N ALA A 154 16.15 -4.44 -11.77
CA ALA A 154 17.35 -4.31 -12.59
C ALA A 154 18.40 -5.36 -12.24
N ALA A 155 18.59 -5.61 -10.95
CA ALA A 155 19.57 -6.62 -10.55
C ALA A 155 19.15 -8.01 -11.00
N THR A 156 17.85 -8.27 -11.08
CA THR A 156 17.33 -9.57 -11.48
C THR A 156 17.45 -9.77 -12.99
N TYR A 157 17.19 -8.74 -13.79
CA TYR A 157 17.05 -8.93 -15.24
C TYR A 157 18.18 -8.32 -16.07
N ASN A 158 18.83 -7.24 -15.65
CA ASN A 158 19.78 -6.62 -16.57
C ASN A 158 20.97 -7.53 -16.84
N LYS A 159 21.51 -7.43 -18.05
CA LYS A 159 22.64 -8.23 -18.49
C LYS A 159 23.56 -7.31 -19.27
N PRO A 160 24.80 -7.72 -19.55
CA PRO A 160 25.66 -6.89 -20.41
C PRO A 160 24.98 -6.61 -21.75
N ASP A 161 25.00 -5.35 -22.16
CA ASP A 161 24.35 -4.83 -23.35
C ASP A 161 22.83 -4.84 -23.28
N PHE A 162 22.25 -5.18 -22.12
CA PHE A 162 20.81 -5.25 -21.94
C PHE A 162 20.39 -4.51 -20.68
N PRO A 163 20.36 -3.18 -20.74
CA PRO A 163 19.80 -2.35 -19.64
C PRO A 163 18.27 -2.36 -19.69
N ILE A 164 17.71 -3.52 -19.31
CA ILE A 164 16.25 -3.66 -19.30
C ILE A 164 15.61 -2.63 -18.39
N SER A 165 16.23 -2.38 -17.24
CA SER A 165 15.70 -1.42 -16.27
C SER A 165 16.79 -0.46 -15.84
N ASP A 166 16.56 0.83 -16.07
CA ASP A 166 17.54 1.85 -15.70
C ASP A 166 16.86 3.16 -15.36
N SER A 167 15.62 3.11 -14.93
CA SER A 167 14.79 4.27 -14.73
C SER A 167 15.01 4.90 -13.35
N TYR A 168 14.58 6.16 -13.27
CA TYR A 168 14.68 6.98 -12.08
C TYR A 168 13.31 7.18 -11.43
N THR A 169 13.35 7.61 -10.16
CA THR A 169 12.16 7.89 -9.40
C THR A 169 12.31 9.33 -8.89
N TYR A 170 11.42 10.20 -9.34
CA TYR A 170 11.43 11.62 -9.00
C TYR A 170 10.26 11.90 -8.07
N VAL A 171 10.54 12.55 -6.93
CA VAL A 171 9.49 12.82 -5.95
C VAL A 171 9.50 14.29 -5.59
N PHE A 172 8.33 14.92 -5.61
CA PHE A 172 8.17 16.26 -5.04
C PHE A 172 7.57 16.12 -3.64
N LEU A 173 8.08 16.91 -2.70
N LEU A 173 8.08 16.93 -2.70
CA LEU A 173 7.59 16.85 -1.33
CA LEU A 173 7.61 16.86 -1.32
C LEU A 173 7.71 18.22 -0.69
C LEU A 173 7.66 18.26 -0.73
N GLY A 174 6.87 18.47 0.32
CA GLY A 174 6.85 19.73 1.02
C GLY A 174 7.24 19.61 2.49
N ASP A 175 7.13 20.77 3.17
CA ASP A 175 7.49 20.82 4.58
C ASP A 175 6.67 19.85 5.42
N GLY A 176 5.38 19.75 5.16
CA GLY A 176 4.55 18.84 5.92
C GLY A 176 5.04 17.39 5.84
N OCS A 177 5.44 16.98 4.64
CA OCS A 177 5.98 15.65 4.44
CB OCS A 177 6.38 15.47 2.99
SG OCS A 177 4.98 15.47 1.86
C OCS A 177 7.19 15.45 5.30
O OCS A 177 7.37 14.36 5.84
OD1 OCS A 177 4.10 14.35 2.10
OD3 OCS A 177 5.50 15.44 0.54
N LEU A 178 8.05 16.47 5.42
CA LEU A 178 9.28 16.36 6.19
C LEU A 178 9.07 16.34 7.69
N MET A 179 7.90 16.78 8.15
CA MET A 179 7.57 16.71 9.58
C MET A 179 7.00 15.36 9.96
N GLU A 180 6.37 14.65 9.02
CA GLU A 180 5.75 13.37 9.33
C GLU A 180 6.81 12.31 9.55
N GLY A 181 6.69 11.59 10.65
CA GLY A 181 7.72 10.62 10.99
C GLY A 181 7.92 9.53 9.94
N VAL A 182 6.86 9.15 9.25
CA VAL A 182 6.99 8.09 8.25
C VAL A 182 8.06 8.47 7.21
N SER A 183 8.18 9.75 6.86
CA SER A 183 9.20 10.12 5.87
C SER A 183 10.60 10.01 6.43
N SER A 184 10.77 10.23 7.74
CA SER A 184 12.07 10.05 8.37
C SER A 184 12.47 8.59 8.31
N GLU A 185 11.53 7.69 8.64
CA GLU A 185 11.80 6.27 8.58
C GLU A 185 12.26 5.88 7.18
N ALA A 186 11.51 6.28 6.17
CA ALA A 186 11.83 5.84 4.82
C ALA A 186 13.11 6.49 4.32
N SER A 187 13.39 7.73 4.74
CA SER A 187 14.61 8.40 4.30
C SER A 187 15.85 7.80 4.93
N SER A 188 15.78 7.44 6.21
CA SER A 188 16.86 6.71 6.85
C SER A 188 17.15 5.41 6.09
N LEU A 189 16.08 4.66 5.82
CA LEU A 189 16.27 3.38 5.13
C LEU A 189 16.80 3.56 3.71
N ALA A 190 16.26 4.54 2.97
CA ALA A 190 16.72 4.78 1.60
C ALA A 190 18.19 5.15 1.54
N GLY A 191 18.66 5.94 2.53
CA GLY A 191 20.07 6.26 2.61
C GLY A 191 20.89 5.02 2.89
N HIS A 192 20.44 4.21 3.84
CA HIS A 192 21.13 2.94 4.10
C HIS A 192 21.22 2.08 2.84
N LEU A 193 20.15 2.03 2.07
CA LEU A 193 20.08 1.17 0.89
C LEU A 193 20.76 1.78 -0.33
N GLN A 194 21.31 2.98 -0.21
CA GLN A 194 22.15 3.57 -1.26
C GLN A 194 21.38 3.71 -2.57
N LEU A 195 20.11 4.14 -2.49
CA LEU A 195 19.21 4.14 -3.65
C LEU A 195 19.46 5.35 -4.54
N GLY A 196 20.49 5.22 -5.38
CA GLY A 196 20.96 6.32 -6.20
C GLY A 196 20.06 6.71 -7.34
N ASN A 197 19.02 5.95 -7.66
CA ASN A 197 18.10 6.37 -8.70
C ASN A 197 16.88 7.12 -8.13
N LEU A 198 16.88 7.40 -6.83
CA LEU A 198 15.86 8.23 -6.21
C LEU A 198 16.35 9.67 -6.15
N ILE A 199 15.53 10.59 -6.66
CA ILE A 199 15.82 12.00 -6.67
C ILE A 199 14.57 12.72 -6.16
N ALA A 200 14.68 13.29 -4.98
CA ALA A 200 13.56 13.99 -4.35
C ALA A 200 13.83 15.49 -4.36
N PHE A 201 12.75 16.26 -4.37
CA PHE A 201 12.81 17.71 -4.45
C PHE A 201 11.94 18.26 -3.32
N TRP A 202 12.58 19.02 -2.44
CA TRP A 202 11.90 19.67 -1.33
C TRP A 202 11.48 21.06 -1.74
N ASP A 203 10.18 21.33 -1.65
CA ASP A 203 9.62 22.65 -1.85
C ASP A 203 9.87 23.48 -0.58
N ASP A 204 11.01 24.15 -0.56
CA ASP A 204 11.46 24.90 0.61
C ASP A 204 10.87 26.31 0.51
N ASN A 205 9.61 26.43 0.93
CA ASN A 205 8.89 27.68 0.83
C ASN A 205 8.55 28.31 2.17
N LYS A 206 8.94 27.68 3.27
CA LYS A 206 8.85 28.22 4.63
C LYS A 206 7.45 28.47 5.12
N ILE A 207 6.44 27.85 4.51
CA ILE A 207 5.04 28.14 4.87
C ILE A 207 4.32 26.81 5.00
N SER A 208 3.55 26.65 6.07
CA SER A 208 2.61 25.52 6.18
C SER A 208 1.25 26.10 6.52
N ILE A 209 0.30 25.24 6.93
CA ILE A 209 -1.05 25.73 7.19
C ILE A 209 -1.06 26.69 8.38
N ASP A 210 -0.30 26.38 9.43
CA ASP A 210 -0.29 27.23 10.62
C ASP A 210 0.54 28.50 10.45
N GLY A 211 1.14 28.74 9.28
CA GLY A 211 1.92 29.94 9.07
C GLY A 211 3.37 29.61 8.78
N SER A 212 4.26 30.49 9.22
CA SER A 212 5.68 30.25 9.02
C SER A 212 6.13 28.90 9.60
N THR A 213 7.05 28.22 8.92
CA THR A 213 7.73 27.08 9.54
C THR A 213 8.53 27.48 10.77
N GLU A 214 8.78 28.78 10.99
CA GLU A 214 9.46 29.17 12.22
C GLU A 214 8.66 28.80 13.46
N VAL A 215 7.35 28.56 13.34
CA VAL A 215 6.53 28.28 14.52
C VAL A 215 6.71 26.85 15.03
N ALA A 216 7.12 25.90 14.19
CA ALA A 216 7.15 24.50 14.60
C ALA A 216 8.20 23.65 13.90
N PHE A 217 8.95 24.20 12.95
CA PHE A 217 9.78 23.38 12.05
C PHE A 217 11.06 24.15 11.75
N THR A 218 11.96 24.19 12.73
CA THR A 218 13.19 24.96 12.68
C THR A 218 14.44 24.09 12.59
N GLU A 219 14.28 22.78 12.46
CA GLU A 219 15.40 21.88 12.32
C GLU A 219 16.18 22.18 11.03
N ASP A 220 17.43 21.74 11.02
CA ASP A 220 18.29 21.84 9.83
C ASP A 220 18.04 20.59 8.98
N VAL A 221 17.08 20.71 8.06
CA VAL A 221 16.66 19.60 7.20
C VAL A 221 17.84 19.03 6.43
N ILE A 222 18.66 19.91 5.84
CA ILE A 222 19.77 19.47 5.02
C ILE A 222 20.76 18.66 5.84
N ALA A 223 21.08 19.14 7.06
CA ALA A 223 21.98 18.38 7.92
C ALA A 223 21.36 17.02 8.27
N ARG A 224 20.04 16.97 8.49
CA ARG A 224 19.42 15.68 8.78
C ARG A 224 19.55 14.73 7.59
N TYR A 225 19.28 15.23 6.38
CA TYR A 225 19.38 14.34 5.22
C TYR A 225 20.83 13.89 4.97
N LYS A 226 21.80 14.75 5.22
CA LYS A 226 23.19 14.29 5.16
C LYS A 226 23.44 13.18 6.17
N SER A 227 22.84 13.26 7.37
CA SER A 227 23.04 12.23 8.38
C SER A 227 22.49 10.88 7.96
N TYR A 228 21.48 10.86 7.09
CA TYR A 228 20.95 9.62 6.55
C TYR A 228 21.80 9.07 5.40
N GLY A 229 22.79 9.80 4.91
CA GLY A 229 23.56 9.37 3.76
C GLY A 229 23.00 9.79 2.43
N TRP A 230 22.18 10.85 2.38
CA TRP A 230 21.72 11.39 1.12
C TRP A 230 22.72 12.40 0.59
N HIS A 231 22.73 12.54 -0.74
CA HIS A 231 23.40 13.64 -1.42
C HIS A 231 22.46 14.84 -1.47
N ILE A 232 23.03 16.05 -1.42
CA ILE A 232 22.25 17.27 -1.41
C ILE A 232 22.64 18.14 -2.59
N VAL A 233 21.65 18.73 -3.27
CA VAL A 233 21.86 19.83 -4.18
C VAL A 233 20.91 20.95 -3.77
N GLU A 234 21.41 22.19 -3.70
CA GLU A 234 20.58 23.33 -3.35
CA GLU A 234 20.58 23.33 -3.35
C GLU A 234 20.41 24.25 -4.55
N VAL A 235 19.16 24.61 -4.82
CA VAL A 235 18.80 25.55 -5.87
C VAL A 235 18.19 26.77 -5.20
N SER A 236 18.97 27.85 -5.10
CA SER A 236 18.56 28.98 -4.29
C SER A 236 17.46 29.82 -4.93
N ASP A 237 17.33 29.82 -6.26
CA ASP A 237 16.27 30.58 -6.93
C ASP A 237 15.41 29.66 -7.79
N ALA A 238 14.67 28.80 -7.14
CA ALA A 238 13.84 27.85 -7.87
C ALA A 238 12.55 28.45 -8.39
N ASP A 239 12.29 29.74 -8.11
CA ASP A 239 11.17 30.41 -8.75
C ASP A 239 11.41 30.67 -10.24
N THR A 240 12.67 30.71 -10.68
CA THR A 240 13.01 31.02 -12.07
C THR A 240 14.10 30.13 -12.66
N ASP A 241 15.00 29.55 -11.87
CA ASP A 241 16.27 29.01 -12.39
C ASP A 241 16.11 27.56 -12.82
N ILE A 242 15.42 27.35 -13.95
CA ILE A 242 15.24 26.00 -14.47
C ILE A 242 16.54 25.41 -14.96
N THR A 243 17.50 26.24 -15.35
CA THR A 243 18.81 25.72 -15.73
C THR A 243 19.46 25.04 -14.54
N ALA A 244 19.35 25.64 -13.36
CA ALA A 244 19.94 25.05 -12.18
C ALA A 244 19.18 23.81 -11.74
N ILE A 245 17.86 23.77 -11.95
CA ILE A 245 17.10 22.58 -11.58
C ILE A 245 17.51 21.41 -12.47
N ALA A 246 17.62 21.67 -13.78
CA ALA A 246 18.09 20.65 -14.69
C ALA A 246 19.49 20.19 -14.34
N ALA A 247 20.37 21.13 -13.98
CA ALA A 247 21.74 20.76 -13.59
C ALA A 247 21.75 19.93 -12.32
N ALA A 248 20.81 20.19 -11.39
CA ALA A 248 20.73 19.43 -10.16
C ALA A 248 20.35 17.98 -10.45
N ILE A 249 19.47 17.78 -11.43
CA ILE A 249 19.12 16.42 -11.84
C ILE A 249 20.35 15.72 -12.43
N ASP A 250 21.08 16.41 -13.30
CA ASP A 250 22.28 15.80 -13.88
C ASP A 250 23.28 15.43 -12.80
N GLU A 251 23.44 16.31 -11.80
CA GLU A 251 24.36 16.02 -10.71
C GLU A 251 23.89 14.81 -9.91
N ALA A 252 22.59 14.76 -9.60
CA ALA A 252 22.05 13.63 -8.86
C ALA A 252 22.29 12.31 -9.60
N LYS A 253 22.16 12.33 -10.93
CA LYS A 253 22.38 11.11 -11.69
C LYS A 253 23.82 10.62 -11.63
N LYS A 254 24.78 11.53 -11.41
CA LYS A 254 26.17 11.10 -11.27
C LYS A 254 26.46 10.45 -9.92
N VAL A 255 25.61 10.64 -8.92
CA VAL A 255 25.83 10.09 -7.58
C VAL A 255 25.01 8.80 -7.50
N THR A 256 25.65 7.68 -7.85
CA THR A 256 24.91 6.45 -8.06
C THR A 256 24.69 5.66 -6.79
N ASN A 257 25.31 6.04 -5.68
CA ASN A 257 25.20 5.27 -4.44
C ASN A 257 24.53 6.06 -3.32
N LYS A 258 23.85 7.15 -3.64
N LYS A 258 23.81 7.13 -3.64
CA LYS A 258 23.09 7.88 -2.62
CA LYS A 258 23.11 7.90 -2.61
C LYS A 258 21.82 8.41 -3.25
C LYS A 258 21.84 8.47 -3.21
N PRO A 259 20.69 8.36 -2.53
CA PRO A 259 19.52 9.13 -2.97
C PRO A 259 19.85 10.61 -2.82
N THR A 260 19.24 11.48 -3.64
CA THR A 260 19.52 12.90 -3.62
C THR A 260 18.29 13.67 -3.21
N LEU A 261 18.51 14.68 -2.35
CA LEU A 261 17.51 15.68 -2.02
C LEU A 261 17.92 17.01 -2.66
N VAL A 262 17.06 17.52 -3.51
CA VAL A 262 17.25 18.82 -4.14
C VAL A 262 16.41 19.85 -3.39
N ARG A 263 17.08 20.80 -2.75
CA ARG A 263 16.38 21.86 -2.04
C ARG A 263 15.96 22.93 -3.03
N LEU A 264 14.66 23.09 -3.24
CA LEU A 264 14.12 24.09 -4.15
C LEU A 264 13.62 25.27 -3.31
N THR A 265 14.39 26.34 -3.24
CA THR A 265 13.91 27.52 -2.51
C THR A 265 12.92 28.27 -3.39
N THR A 266 11.66 28.24 -3.00
CA THR A 266 10.59 28.82 -3.80
C THR A 266 9.78 29.80 -2.94
N THR A 267 8.97 30.59 -3.63
CA THR A 267 7.96 31.42 -3.00
C THR A 267 6.61 30.74 -3.19
N ILE A 268 5.94 30.36 -2.09
CA ILE A 268 4.62 29.80 -2.24
C ILE A 268 3.72 30.81 -2.95
N GLY A 269 2.92 30.33 -3.91
CA GLY A 269 2.05 31.24 -4.60
C GLY A 269 2.75 32.24 -5.49
N PHE A 270 3.97 31.93 -5.96
CA PHE A 270 4.77 32.85 -6.75
C PHE A 270 3.94 33.56 -7.81
N GLY A 271 4.00 34.88 -7.80
CA GLY A 271 3.31 35.72 -8.73
C GLY A 271 2.03 36.32 -8.19
N SER A 272 1.39 35.63 -7.26
CA SER A 272 0.16 36.13 -6.67
C SER A 272 0.45 37.38 -5.84
N LEU A 273 -0.56 38.25 -5.75
CA LEU A 273 -0.50 39.35 -4.80
C LEU A 273 -0.24 38.85 -3.39
N ALA A 274 -0.69 37.63 -3.08
CA ALA A 274 -0.58 37.02 -1.77
C ALA A 274 0.55 36.00 -1.70
N GLN A 275 1.51 36.08 -2.63
CA GLN A 275 2.62 35.14 -2.58
C GLN A 275 3.33 35.23 -1.24
N GLY A 276 3.88 34.10 -0.80
CA GLY A 276 4.65 34.08 0.42
C GLY A 276 3.83 34.09 1.69
N THR A 277 2.54 33.77 1.62
CA THR A 277 1.67 33.77 2.79
C THR A 277 0.95 32.43 2.92
N HIS A 278 0.54 32.10 4.16
CA HIS A 278 -0.23 30.87 4.35
C HIS A 278 -1.57 30.90 3.62
N GLY A 279 -2.13 32.10 3.41
CA GLY A 279 -3.42 32.20 2.76
C GLY A 279 -3.47 31.65 1.34
N VAL A 280 -2.32 31.56 0.66
CA VAL A 280 -2.27 31.01 -0.69
C VAL A 280 -2.08 29.49 -0.67
N HIS A 281 -1.87 28.89 0.50
CA HIS A 281 -1.64 27.44 0.54
C HIS A 281 -2.87 26.66 0.07
N GLY A 282 -4.05 27.04 0.56
CA GLY A 282 -5.18 26.13 0.55
C GLY A 282 -6.53 26.73 0.24
N ALA A 283 -6.55 27.88 -0.42
CA ALA A 283 -7.80 28.50 -0.78
C ALA A 283 -7.64 29.15 -2.14
N PRO A 284 -8.72 29.25 -2.91
CA PRO A 284 -8.65 29.89 -4.24
C PRO A 284 -8.17 31.33 -4.15
N LEU A 285 -7.49 31.76 -5.21
CA LEU A 285 -7.07 33.16 -5.32
C LEU A 285 -8.28 34.05 -5.62
N LYS A 286 -8.12 35.34 -5.30
CA LYS A 286 -9.13 36.32 -5.68
C LYS A 286 -9.12 36.56 -7.19
N ALA A 287 -10.28 36.91 -7.74
CA ALA A 287 -10.37 37.06 -9.19
C ALA A 287 -9.44 38.15 -9.74
N ASP A 288 -9.29 39.25 -9.00
CA ASP A 288 -8.41 40.33 -9.46
C ASP A 288 -6.95 39.91 -9.41
N ASP A 289 -6.60 39.04 -8.47
CA ASP A 289 -5.26 38.47 -8.40
C ASP A 289 -4.99 37.64 -9.65
N ILE A 290 -5.95 36.80 -10.03
CA ILE A 290 -5.78 35.99 -11.24
C ILE A 290 -5.61 36.88 -12.47
N LYS A 291 -6.34 38.00 -12.55
CA LYS A 291 -6.19 38.87 -13.70
C LYS A 291 -4.77 39.43 -13.80
N GLN A 292 -4.22 39.90 -12.67
CA GLN A 292 -2.88 40.46 -12.71
C GLN A 292 -1.82 39.40 -13.01
N LEU A 293 -2.02 38.16 -12.56
CA LEU A 293 -1.14 37.06 -12.94
C LEU A 293 -1.10 36.91 -14.44
N LYS A 294 -2.29 36.88 -15.04
CA LYS A 294 -2.36 36.66 -16.49
C LYS A 294 -1.68 37.79 -17.24
N THR A 295 -1.99 39.05 -16.89
CA THR A 295 -1.41 40.13 -17.67
C THR A 295 0.11 40.18 -17.50
N LYS A 296 0.63 39.92 -16.30
CA LYS A 296 2.08 40.08 -16.19
C LYS A 296 2.84 38.96 -16.89
N TRP A 297 2.17 37.84 -17.16
CA TRP A 297 2.79 36.73 -17.86
C TRP A 297 2.39 36.68 -19.34
N GLY A 298 1.69 37.69 -19.84
CA GLY A 298 1.38 37.79 -21.24
C GLY A 298 0.15 37.03 -21.68
N PHE A 299 -0.69 36.60 -20.76
CA PHE A 299 -1.93 35.89 -21.07
C PHE A 299 -3.08 36.87 -21.04
N ASN A 300 -4.20 36.43 -21.59
CA ASN A 300 -5.40 37.25 -21.64
C ASN A 300 -6.15 37.13 -20.31
N PRO A 301 -6.29 38.20 -19.54
CA PRO A 301 -7.00 38.09 -18.24
C PRO A 301 -8.46 37.73 -18.38
N GLU A 302 -9.04 37.82 -19.57
CA GLU A 302 -10.42 37.41 -19.80
C GLU A 302 -10.57 35.94 -20.14
N GLU A 303 -9.46 35.21 -20.27
CA GLU A 303 -9.47 33.84 -20.71
C GLU A 303 -9.03 32.91 -19.59
N SER A 304 -9.66 31.75 -19.50
N SER A 304 -9.69 31.76 -19.49
CA SER A 304 -9.24 30.71 -18.58
CA SER A 304 -9.28 30.69 -18.58
C SER A 304 -8.94 29.42 -19.33
C SER A 304 -8.87 29.45 -19.37
N PHE A 305 -8.06 28.61 -18.72
CA PHE A 305 -7.64 27.33 -19.27
C PHE A 305 -6.95 27.46 -20.63
N ALA A 306 -6.15 28.51 -20.79
CA ALA A 306 -5.44 28.72 -22.04
C ALA A 306 -4.29 27.73 -22.18
N VAL A 307 -4.14 27.15 -23.38
CA VAL A 307 -2.99 26.30 -23.67
C VAL A 307 -2.35 26.78 -24.96
N PRO A 308 -1.30 27.60 -24.90
CA PRO A 308 -0.67 28.10 -26.12
C PRO A 308 -0.15 26.95 -26.98
N ALA A 309 -0.40 27.06 -28.29
CA ALA A 309 -0.01 25.97 -29.17
C ALA A 309 1.50 25.74 -29.19
N GLU A 310 2.28 26.78 -28.95
CA GLU A 310 3.72 26.58 -28.93
C GLU A 310 4.15 25.72 -27.75
N VAL A 311 3.43 25.80 -26.62
CA VAL A 311 3.72 24.94 -25.49
C VAL A 311 3.38 23.50 -25.83
N THR A 312 2.20 23.27 -26.40
CA THR A 312 1.84 21.95 -26.86
C THR A 312 2.89 21.38 -27.82
N ALA A 313 3.37 22.21 -28.75
CA ALA A 313 4.35 21.72 -29.72
C ALA A 313 5.62 21.29 -29.03
N SER A 314 6.10 22.10 -28.07
N SER A 314 6.12 22.11 -28.08
CA SER A 314 7.33 21.79 -27.36
CA SER A 314 7.35 21.74 -27.41
C SER A 314 7.19 20.52 -26.55
C SER A 314 7.18 20.47 -26.58
N TYR A 315 6.05 20.34 -25.88
CA TYR A 315 5.83 19.16 -25.07
C TYR A 315 5.65 17.92 -25.97
N ASN A 316 4.98 18.09 -27.11
CA ASN A 316 4.81 17.00 -28.06
C ASN A 316 6.15 16.51 -28.57
N GLU A 317 7.10 17.43 -28.77
CA GLU A 317 8.44 17.03 -29.23
CA GLU A 317 8.40 16.98 -29.26
C GLU A 317 9.08 16.08 -28.24
N HIS A 318 8.97 16.39 -26.96
CA HIS A 318 9.54 15.54 -25.92
C HIS A 318 8.83 14.19 -25.87
N VAL A 319 7.50 14.18 -25.99
CA VAL A 319 6.75 12.93 -26.05
C VAL A 319 7.22 12.07 -27.22
N ALA A 320 7.37 12.67 -28.39
CA ALA A 320 7.79 11.92 -29.57
C ALA A 320 9.17 11.30 -29.36
N GLU A 321 10.09 12.06 -28.76
CA GLU A 321 11.40 11.50 -28.43
C GLU A 321 11.29 10.36 -27.45
N ASN A 322 10.47 10.52 -26.40
CA ASN A 322 10.29 9.45 -25.43
C ASN A 322 9.68 8.21 -26.07
N GLN A 323 8.74 8.39 -27.00
CA GLN A 323 8.13 7.24 -27.66
C GLN A 323 9.15 6.49 -28.52
N LYS A 324 10.09 7.20 -29.14
CA LYS A 324 11.17 6.51 -29.85
C LYS A 324 12.07 5.76 -28.88
N ILE A 325 12.31 6.32 -27.68
CA ILE A 325 13.07 5.59 -26.67
C ILE A 325 12.35 4.30 -26.28
N GLN A 326 11.03 4.37 -26.05
CA GLN A 326 10.30 3.16 -25.72
C GLN A 326 10.31 2.16 -26.88
N GLN A 327 10.19 2.64 -28.11
CA GLN A 327 10.25 1.75 -29.27
C GLN A 327 11.59 1.01 -29.30
N GLN A 328 12.68 1.71 -29.03
CA GLN A 328 13.97 1.04 -28.97
C GLN A 328 14.04 0.06 -27.80
N TRP A 329 13.45 0.41 -26.64
CA TRP A 329 13.40 -0.51 -25.52
C TRP A 329 12.66 -1.78 -25.90
N ASN A 330 11.55 -1.65 -26.65
CA ASN A 330 10.84 -2.85 -27.08
C ASN A 330 11.73 -3.74 -27.93
N GLU A 331 12.56 -3.16 -28.80
CA GLU A 331 13.47 -3.97 -29.59
C GLU A 331 14.57 -4.58 -28.74
N LEU A 332 15.04 -3.83 -27.74
CA LEU A 332 16.01 -4.37 -26.79
C LEU A 332 15.42 -5.57 -26.07
N PHE A 333 14.17 -5.47 -25.64
CA PHE A 333 13.50 -6.58 -24.95
C PHE A 333 13.36 -7.80 -25.87
N ALA A 334 13.03 -7.57 -27.14
CA ALA A 334 12.94 -8.70 -28.06
C ALA A 334 14.31 -9.37 -28.21
N ALA A 335 15.37 -8.58 -28.32
CA ALA A 335 16.71 -9.16 -28.41
C ALA A 335 17.12 -9.86 -27.14
N TYR A 336 16.66 -9.35 -25.98
CA TYR A 336 16.93 -9.99 -24.70
C TYR A 336 16.30 -11.37 -24.64
N LYS A 337 15.07 -11.49 -25.15
CA LYS A 337 14.41 -12.79 -25.15
C LYS A 337 15.13 -13.79 -26.02
N GLN A 338 15.77 -13.33 -27.10
CA GLN A 338 16.56 -14.26 -27.92
C GLN A 338 17.82 -14.70 -27.19
N LYS A 339 18.51 -13.77 -26.54
CA LYS A 339 19.78 -14.12 -25.91
C LYS A 339 19.58 -14.85 -24.58
N TYR A 340 18.52 -14.51 -23.84
CA TYR A 340 18.26 -15.06 -22.50
C TYR A 340 16.84 -15.60 -22.51
N PRO A 341 16.63 -16.77 -23.12
CA PRO A 341 15.24 -17.22 -23.34
C PRO A 341 14.44 -17.41 -22.06
N GLU A 342 15.03 -18.01 -21.02
CA GLU A 342 14.27 -18.27 -19.79
C GLU A 342 13.97 -16.98 -19.03
N LEU A 343 14.98 -16.12 -18.83
CA LEU A 343 14.74 -14.85 -18.16
C LEU A 343 13.78 -14.00 -18.97
N GLY A 344 13.90 -14.04 -20.29
CA GLY A 344 12.99 -13.25 -21.12
C GLY A 344 11.55 -13.70 -20.98
N ALA A 345 11.32 -15.01 -20.96
CA ALA A 345 9.96 -15.52 -20.79
C ALA A 345 9.42 -15.18 -19.40
N GLU A 346 10.28 -15.25 -18.38
CA GLU A 346 9.87 -14.87 -17.04
C GLU A 346 9.46 -13.41 -17.00
N LEU A 347 10.28 -12.54 -17.60
CA LEU A 347 9.97 -11.14 -17.61
C LEU A 347 8.68 -10.88 -18.37
N GLN A 348 8.50 -11.54 -19.52
CA GLN A 348 7.27 -11.36 -20.28
C GLN A 348 6.05 -11.77 -19.46
N ARG A 349 6.13 -12.91 -18.79
CA ARG A 349 5.01 -13.38 -17.96
C ARG A 349 4.66 -12.32 -16.90
N ARG A 350 5.69 -11.78 -16.24
CA ARG A 350 5.45 -10.78 -15.21
C ARG A 350 4.83 -9.51 -15.78
N LEU A 351 5.29 -9.06 -16.96
CA LEU A 351 4.70 -7.88 -17.57
C LEU A 351 3.28 -8.12 -18.03
N ASP A 352 2.91 -9.37 -18.29
CA ASP A 352 1.53 -9.74 -18.60
C ASP A 352 0.66 -9.89 -17.35
N GLY A 353 1.25 -9.77 -16.16
CA GLY A 353 0.49 -9.86 -14.92
C GLY A 353 0.11 -11.25 -14.50
N LYS A 354 0.81 -12.26 -14.98
CA LYS A 354 0.48 -13.65 -14.72
C LYS A 354 1.52 -14.29 -13.81
N LEU A 355 1.04 -15.05 -12.83
CA LEU A 355 1.91 -15.88 -12.02
C LEU A 355 2.36 -17.12 -12.81
N PRO A 356 3.42 -17.79 -12.36
CA PRO A 356 3.81 -19.04 -13.03
C PRO A 356 2.66 -20.03 -13.06
N GLU A 357 2.59 -20.78 -14.16
CA GLU A 357 1.55 -21.79 -14.30
C GLU A 357 1.65 -22.78 -13.17
N ASN A 358 0.51 -23.05 -12.53
CA ASN A 358 0.42 -24.06 -11.48
C ASN A 358 1.33 -23.76 -10.30
N TRP A 359 1.66 -22.47 -10.06
CA TRP A 359 2.54 -22.13 -8.95
C TRP A 359 1.99 -22.68 -7.64
N ASP A 360 0.67 -22.75 -7.52
CA ASP A 360 0.04 -23.09 -6.25
C ASP A 360 0.21 -24.55 -5.90
N LYS A 361 0.69 -25.39 -6.82
CA LYS A 361 1.03 -26.74 -6.47
C LYS A 361 2.16 -26.80 -5.43
N ALA A 362 2.90 -25.72 -5.27
CA ALA A 362 3.93 -25.66 -4.24
C ALA A 362 3.38 -25.40 -2.84
N LEU A 363 2.12 -24.99 -2.71
CA LEU A 363 1.57 -24.72 -1.39
C LEU A 363 1.50 -26.00 -0.56
N PRO A 364 1.96 -25.98 0.68
CA PRO A 364 1.88 -27.17 1.53
C PRO A 364 0.45 -27.55 1.86
N VAL A 365 0.21 -28.86 1.95
CA VAL A 365 -1.09 -29.43 2.32
C VAL A 365 -0.87 -30.30 3.55
N TYR A 366 -1.86 -30.32 4.42
CA TYR A 366 -1.80 -31.00 5.70
C TYR A 366 -3.00 -31.90 5.87
N THR A 367 -2.89 -32.87 6.77
CA THR A 367 -4.00 -33.71 7.16
C THR A 367 -4.14 -33.68 8.66
N PRO A 368 -5.25 -34.18 9.20
CA PRO A 368 -5.42 -34.16 10.65
C PRO A 368 -4.43 -35.04 11.40
N ALA A 369 -3.70 -35.92 10.71
CA ALA A 369 -2.66 -36.73 11.36
C ALA A 369 -1.37 -35.95 11.58
N ASP A 370 -1.22 -34.80 10.94
CA ASP A 370 0.01 -34.03 11.11
C ASP A 370 0.02 -33.28 12.44
N ALA A 371 1.23 -32.94 12.88
CA ALA A 371 1.44 -32.30 14.17
C ALA A 371 0.87 -30.87 14.21
N ALA A 372 0.58 -30.43 15.43
CA ALA A 372 0.19 -29.05 15.68
C ALA A 372 1.37 -28.13 15.37
N VAL A 373 1.07 -26.98 14.79
CA VAL A 373 2.05 -25.99 14.34
C VAL A 373 1.45 -24.61 14.56
N ALA A 374 2.26 -23.64 14.99
CA ALA A 374 1.79 -22.25 15.04
C ALA A 374 1.59 -21.75 13.62
N THR A 375 0.59 -20.90 13.42
CA THR A 375 0.42 -20.39 12.07
C THR A 375 1.55 -19.48 11.63
N ARG A 376 2.31 -18.87 12.55
CA ARG A 376 3.50 -18.16 12.11
C ARG A 376 4.51 -19.11 11.48
N LYS A 377 4.66 -20.30 12.04
CA LYS A 377 5.58 -21.27 11.47
C LYS A 377 5.03 -21.85 10.17
N LEU A 378 3.73 -22.12 10.11
CA LEU A 378 3.15 -22.56 8.84
C LEU A 378 3.40 -21.53 7.75
N SER A 379 3.30 -20.23 8.09
CA SER A 379 3.59 -19.17 7.14
C SER A 379 5.03 -19.21 6.67
N GLU A 380 5.97 -19.38 7.60
CA GLU A 380 7.38 -19.57 7.23
C GLU A 380 7.55 -20.70 6.23
N ILE A 381 6.88 -21.82 6.49
CA ILE A 381 6.97 -22.97 5.60
C ILE A 381 6.42 -22.64 4.23
N VAL A 382 5.26 -21.97 4.15
CA VAL A 382 4.72 -21.57 2.85
C VAL A 382 5.72 -20.71 2.10
N LEU A 383 6.24 -19.68 2.77
CA LEU A 383 7.18 -18.78 2.10
C LEU A 383 8.40 -19.54 1.59
N SER A 384 8.89 -20.52 2.38
CA SER A 384 10.05 -21.30 1.99
CA SER A 384 10.06 -21.26 1.96
C SER A 384 9.79 -22.12 0.74
N LYS A 385 8.54 -22.51 0.51
CA LYS A 385 8.17 -23.28 -0.66
C LYS A 385 7.88 -22.42 -1.87
N ILE A 386 7.28 -21.25 -1.69
CA ILE A 386 6.82 -20.49 -2.84
C ILE A 386 7.84 -19.46 -3.32
N ILE A 387 8.67 -18.91 -2.43
CA ILE A 387 9.69 -17.94 -2.85
C ILE A 387 10.58 -18.51 -3.95
N PRO A 388 11.10 -19.74 -3.86
CA PRO A 388 11.94 -20.24 -4.96
C PRO A 388 11.20 -20.42 -6.26
N GLU A 389 9.87 -20.50 -6.23
CA GLU A 389 9.07 -20.78 -7.41
C GLU A 389 8.44 -19.55 -8.04
N VAL A 390 8.39 -18.43 -7.32
CA VAL A 390 7.68 -17.25 -7.78
C VAL A 390 8.64 -16.09 -7.60
N PRO A 391 9.41 -15.73 -8.63
CA PRO A 391 10.49 -14.72 -8.45
C PRO A 391 9.98 -13.34 -8.10
N GLU A 392 8.74 -13.01 -8.44
CA GLU A 392 8.19 -11.71 -8.13
C GLU A 392 7.78 -11.56 -6.66
N ILE A 393 7.93 -12.59 -5.82
CA ILE A 393 7.76 -12.40 -4.38
C ILE A 393 9.05 -11.87 -3.78
N ILE A 394 8.95 -10.71 -3.12
CA ILE A 394 9.99 -10.19 -2.24
C ILE A 394 9.29 -9.69 -0.99
N GLY A 395 10.03 -9.53 0.09
CA GLY A 395 9.40 -9.01 1.30
C GLY A 395 10.41 -8.84 2.40
N GLY A 396 9.92 -8.55 3.60
CA GLY A 396 10.83 -8.30 4.70
C GLY A 396 10.08 -8.24 6.01
N SER A 397 10.80 -7.79 7.06
N SER A 397 10.73 -7.63 6.98
CA SER A 397 10.23 -7.61 8.40
CA SER A 397 10.10 -7.49 8.28
C SER A 397 10.71 -6.29 8.97
C SER A 397 10.71 -6.30 8.98
N ALA A 398 9.92 -5.77 9.91
CA ALA A 398 10.29 -4.58 10.64
C ALA A 398 11.02 -4.97 11.94
N ASP A 399 12.25 -5.48 11.77
CA ASP A 399 13.12 -5.91 12.88
C ASP A 399 12.50 -7.03 13.71
N LEU A 400 11.70 -7.89 13.09
CA LEU A 400 11.15 -9.03 13.81
C LEU A 400 11.35 -10.33 13.02
N THR A 401 12.41 -10.40 12.23
CA THR A 401 12.64 -11.57 11.38
C THR A 401 12.61 -12.88 12.14
N PRO A 402 13.31 -13.04 13.28
CA PRO A 402 13.28 -14.33 13.97
C PRO A 402 11.99 -14.58 14.75
N SER A 403 11.10 -13.60 14.86
N SER A 403 11.09 -13.60 14.83
CA SER A 403 9.82 -13.75 15.53
CA SER A 403 9.82 -13.80 15.51
C SER A 403 8.67 -13.94 14.55
C SER A 403 8.67 -13.98 14.53
N ASN A 404 8.68 -13.20 13.44
CA ASN A 404 7.66 -13.33 12.42
C ASN A 404 7.92 -14.54 11.52
N LEU A 405 9.16 -14.98 11.44
CA LEU A 405 9.58 -16.13 10.61
C LEU A 405 9.36 -15.88 9.11
N THR A 406 9.80 -14.70 8.67
CA THR A 406 9.48 -14.19 7.33
C THR A 406 10.58 -14.41 6.30
N LYS A 407 11.76 -14.88 6.70
CA LYS A 407 12.84 -15.08 5.76
C LYS A 407 13.00 -16.55 5.41
N ALA A 408 13.02 -16.85 4.11
CA ALA A 408 13.31 -18.20 3.62
C ALA A 408 14.79 -18.49 3.76
N LYS A 409 15.14 -19.61 4.39
CA LYS A 409 16.53 -20.01 4.47
C LYS A 409 17.14 -20.11 3.07
N GLY A 410 18.36 -19.60 2.92
CA GLY A 410 19.05 -19.69 1.64
C GLY A 410 18.81 -18.56 0.66
N THR A 411 17.98 -17.57 1.00
CA THR A 411 17.92 -16.37 0.18
C THR A 411 18.89 -15.34 0.74
N VAL A 412 19.20 -14.31 -0.05
CA VAL A 412 20.04 -13.26 0.46
C VAL A 412 19.23 -11.99 0.63
N ASP A 413 19.72 -11.15 1.53
CA ASP A 413 19.04 -9.90 1.79
C ASP A 413 19.25 -8.92 0.65
N PHE A 414 18.23 -8.08 0.46
CA PHE A 414 18.33 -6.91 -0.40
C PHE A 414 19.16 -5.86 0.32
N GLN A 415 20.38 -5.63 -0.16
CA GLN A 415 21.31 -4.65 0.37
C GLN A 415 22.17 -4.20 -0.80
N PRO A 416 22.71 -3.00 -0.77
CA PRO A 416 23.76 -2.67 -1.75
C PRO A 416 24.95 -3.58 -1.54
N ALA A 417 25.50 -4.13 -2.63
CA ALA A 417 26.66 -5.02 -2.52
C ALA A 417 27.82 -4.37 -1.79
N ALA A 418 27.95 -3.04 -1.89
CA ALA A 418 29.04 -2.33 -1.21
C ALA A 418 29.08 -2.62 0.28
N THR A 419 27.95 -2.97 0.90
CA THR A 419 27.92 -3.25 2.33
C THR A 419 28.46 -4.63 2.68
N GLY A 420 28.53 -5.56 1.72
CA GLY A 420 28.87 -6.94 2.02
C GLY A 420 27.76 -7.73 2.69
N LEU A 421 26.58 -7.14 2.87
CA LEU A 421 25.51 -7.74 3.67
C LEU A 421 24.39 -8.33 2.82
N GLY A 422 24.49 -8.19 1.51
CA GLY A 422 23.44 -8.64 0.60
C GLY A 422 23.76 -8.15 -0.79
N ASP A 423 22.74 -8.09 -1.64
CA ASP A 423 22.90 -7.60 -3.00
C ASP A 423 21.54 -7.06 -3.43
N TYR A 424 21.53 -6.22 -4.45
CA TYR A 424 20.25 -5.74 -4.94
C TYR A 424 19.42 -6.84 -5.59
N SER A 425 20.04 -7.98 -5.96
CA SER A 425 19.25 -9.12 -6.42
C SER A 425 18.58 -9.87 -5.29
N GLY A 426 18.88 -9.51 -4.04
CA GLY A 426 18.30 -10.17 -2.89
C GLY A 426 16.80 -10.00 -2.81
N ARG A 427 16.19 -10.82 -1.95
CA ARG A 427 14.75 -10.95 -1.88
C ARG A 427 14.16 -10.59 -0.53
N TYR A 428 15.00 -10.33 0.46
CA TYR A 428 14.56 -10.13 1.83
C TYR A 428 15.02 -8.76 2.32
N ILE A 429 14.08 -7.94 2.75
CA ILE A 429 14.34 -6.55 3.13
C ILE A 429 14.36 -6.39 4.64
N ARG A 430 15.45 -5.85 5.16
CA ARG A 430 15.57 -5.56 6.58
C ARG A 430 15.06 -4.13 6.78
N TYR A 431 13.77 -4.01 7.11
CA TYR A 431 13.17 -2.69 7.20
C TYR A 431 13.59 -1.95 8.47
N GLY A 432 14.14 -2.63 9.47
CA GLY A 432 14.35 -1.99 10.76
C GLY A 432 13.01 -1.73 11.45
N VAL A 433 13.05 -0.97 12.55
CA VAL A 433 11.87 -0.78 13.38
C VAL A 433 11.06 0.37 12.82
N ARG A 434 10.42 0.12 11.67
CA ARG A 434 9.88 1.16 10.79
C ARG A 434 8.58 0.66 10.16
N GLU A 435 7.57 0.32 10.98
CA GLU A 435 6.38 -0.31 10.43
C GLU A 435 5.66 0.57 9.44
N HIS A 436 5.52 1.89 9.76
CA HIS A 436 4.74 2.75 8.89
C HIS A 436 5.42 2.91 7.54
N ALA A 437 6.71 3.16 7.54
CA ALA A 437 7.41 3.26 6.27
C ALA A 437 7.42 1.93 5.54
N MET A 438 7.53 0.81 6.25
CA MET A 438 7.43 -0.47 5.58
C MET A 438 6.11 -0.57 4.82
N GLY A 439 5.00 -0.17 5.47
CA GLY A 439 3.72 -0.21 4.78
C GLY A 439 3.68 0.63 3.53
N ALA A 440 4.23 1.86 3.60
CA ALA A 440 4.19 2.74 2.44
C ALA A 440 5.21 2.33 1.37
N ILE A 441 6.35 1.78 1.79
CA ILE A 441 7.31 1.23 0.84
C ILE A 441 6.71 0.04 0.11
N MET A 442 5.97 -0.84 0.82
N MET A 442 5.99 -0.82 0.83
CA MET A 442 5.29 -1.94 0.14
CA MET A 442 5.26 -1.93 0.21
C MET A 442 4.35 -1.43 -0.92
C MET A 442 4.36 -1.42 -0.92
N ASN A 443 3.64 -0.33 -0.66
CA ASN A 443 2.77 0.26 -1.67
C ASN A 443 3.58 0.69 -2.88
N GLY A 444 4.74 1.31 -2.66
CA GLY A 444 5.59 1.69 -3.79
C GLY A 444 6.12 0.50 -4.58
N ILE A 445 6.51 -0.58 -3.91
CA ILE A 445 6.95 -1.79 -4.62
C ILE A 445 5.82 -2.33 -5.48
N ALA A 446 4.60 -2.39 -4.94
CA ALA A 446 3.46 -2.80 -5.74
C ALA A 446 3.24 -1.85 -6.91
N ALA A 447 3.38 -0.54 -6.67
CA ALA A 447 3.15 0.46 -7.71
C ALA A 447 4.16 0.33 -8.85
N PHE A 448 5.38 -0.13 -8.56
CA PHE A 448 6.36 -0.32 -9.61
C PHE A 448 5.79 -1.19 -10.72
N GLY A 449 5.08 -2.25 -10.34
CA GLY A 449 4.44 -3.16 -11.27
C GLY A 449 5.25 -4.44 -11.42
N ALA A 450 5.31 -4.96 -12.65
CA ALA A 450 6.03 -6.20 -12.94
C ALA A 450 5.58 -7.35 -12.05
N ASN A 451 4.31 -7.33 -11.67
CA ASN A 451 3.70 -8.41 -10.91
C ASN A 451 4.31 -8.60 -9.52
N TYR A 452 5.02 -7.60 -8.96
CA TYR A 452 5.57 -7.78 -7.63
C TYR A 452 4.47 -8.11 -6.63
N LYS A 453 4.72 -9.16 -5.84
CA LYS A 453 3.81 -9.61 -4.78
C LYS A 453 4.67 -9.51 -3.53
N ASN A 454 4.53 -8.42 -2.78
CA ASN A 454 5.48 -8.14 -1.72
CA ASN A 454 5.47 -8.13 -1.71
C ASN A 454 4.82 -8.11 -0.35
N TYR A 455 5.60 -8.44 0.68
CA TYR A 455 5.08 -8.64 2.01
C TYR A 455 5.96 -7.98 3.06
N GLY A 456 5.35 -7.79 4.25
CA GLY A 456 6.04 -7.16 5.35
C GLY A 456 5.56 -7.75 6.64
N GLY A 457 6.51 -8.17 7.47
CA GLY A 457 6.19 -8.79 8.75
C GLY A 457 6.34 -7.85 9.94
N THR A 458 5.39 -7.96 10.87
CA THR A 458 5.52 -7.38 12.19
C THR A 458 4.53 -8.09 13.09
N PHE A 459 4.48 -7.69 14.37
CA PHE A 459 3.40 -8.18 15.22
C PHE A 459 2.10 -7.50 14.82
N LEU A 460 1.00 -8.25 14.88
CA LEU A 460 -0.30 -7.69 14.47
C LEU A 460 -0.59 -6.37 15.18
N ASN A 461 -0.29 -6.29 16.48
CA ASN A 461 -0.65 -5.06 17.20
C ASN A 461 0.08 -3.84 16.68
N PHE A 462 1.24 -4.04 16.04
CA PHE A 462 2.00 -2.91 15.52
C PHE A 462 1.75 -2.63 14.05
N VAL A 463 0.92 -3.45 13.38
CA VAL A 463 0.41 -3.03 12.08
C VAL A 463 -0.32 -1.69 12.25
N SER A 464 -0.90 -1.47 13.42
CA SER A 464 -1.60 -0.22 13.70
C SER A 464 -0.71 1.00 13.57
N TYR A 465 0.61 0.88 13.81
CA TYR A 465 1.55 1.99 13.60
C TYR A 465 1.57 2.45 12.16
N ALA A 466 1.14 1.59 11.25
CA ALA A 466 1.20 1.80 9.81
C ALA A 466 -0.19 2.03 9.22
N ALA A 467 -1.20 2.33 10.06
CA ALA A 467 -2.57 2.50 9.56
C ALA A 467 -2.67 3.49 8.42
N GLY A 468 -1.90 4.59 8.45
CA GLY A 468 -1.99 5.56 7.36
C GLY A 468 -1.71 4.92 6.01
N ALA A 469 -0.68 4.08 5.95
CA ALA A 469 -0.29 3.40 4.71
C ALA A 469 -1.22 2.24 4.40
N VAL A 470 -1.66 1.48 5.41
CA VAL A 470 -2.53 0.34 5.16
C VAL A 470 -3.82 0.78 4.50
N ARG A 471 -4.39 1.88 4.99
CA ARG A 471 -5.62 2.37 4.39
C ARG A 471 -5.41 2.75 2.94
N LEU A 472 -4.24 3.34 2.64
CA LEU A 472 -3.90 3.66 1.26
C LEU A 472 -3.68 2.42 0.42
N SER A 473 -3.19 1.32 0.98
CA SER A 473 -3.13 0.07 0.21
C SER A 473 -4.52 -0.33 -0.28
N ALA A 474 -5.51 -0.16 0.59
CA ALA A 474 -6.88 -0.53 0.27
C ALA A 474 -7.47 0.42 -0.78
N LEU A 475 -7.31 1.73 -0.56
CA LEU A 475 -7.83 2.72 -1.49
C LEU A 475 -7.14 2.65 -2.86
N SER A 476 -5.84 2.34 -2.87
CA SER A 476 -5.05 2.26 -4.09
C SER A 476 -5.17 0.91 -4.78
N GLU A 477 -5.80 -0.07 -4.14
CA GLU A 477 -5.99 -1.38 -4.71
C GLU A 477 -4.66 -2.08 -4.98
N PHE A 478 -3.75 -2.02 -4.02
CA PHE A 478 -2.45 -2.69 -4.18
C PHE A 478 -2.44 -4.04 -3.47
N PRO A 479 -1.96 -5.09 -4.15
CA PRO A 479 -1.89 -6.43 -3.57
C PRO A 479 -0.61 -6.60 -2.75
N ILE A 480 -0.58 -5.92 -1.60
CA ILE A 480 0.49 -6.07 -0.62
C ILE A 480 -0.01 -7.02 0.47
N THR A 481 0.92 -7.56 1.23
CA THR A 481 0.58 -8.52 2.27
C THR A 481 1.33 -8.24 3.57
N TRP A 482 0.58 -8.10 4.66
CA TRP A 482 1.15 -8.04 5.99
C TRP A 482 1.17 -9.43 6.61
N VAL A 483 2.34 -9.83 7.06
CA VAL A 483 2.54 -11.10 7.77
C VAL A 483 2.57 -10.72 9.25
N ALA A 484 1.40 -10.81 9.88
CA ALA A 484 1.12 -10.14 11.16
C ALA A 484 1.00 -11.20 12.25
N THR A 485 2.12 -11.52 12.86
CA THR A 485 2.17 -12.60 13.81
C THR A 485 1.82 -12.14 15.23
N HIS A 486 1.71 -13.09 16.14
CA HIS A 486 1.44 -12.79 17.54
C HIS A 486 0.09 -12.09 17.66
N ASP A 487 -0.93 -12.77 17.13
CA ASP A 487 -2.20 -12.12 16.83
C ASP A 487 -3.10 -11.85 18.03
N SER A 488 -2.82 -12.34 19.22
CA SER A 488 -3.82 -12.27 20.28
C SER A 488 -3.14 -12.41 21.64
N ILE A 489 -3.96 -12.51 22.69
CA ILE A 489 -3.51 -12.94 24.00
C ILE A 489 -2.72 -14.24 23.97
N GLY A 490 -2.87 -15.05 22.91
CA GLY A 490 -2.03 -16.23 22.77
C GLY A 490 -0.55 -15.96 22.75
N LEU A 491 -0.13 -14.71 22.54
CA LEU A 491 1.30 -14.41 22.65
C LEU A 491 1.81 -14.46 24.09
N GLY A 492 0.93 -14.30 25.08
CA GLY A 492 1.32 -14.49 26.47
C GLY A 492 2.03 -13.32 27.13
N GLU A 493 3.29 -13.54 27.52
CA GLU A 493 3.93 -12.75 28.58
C GLU A 493 4.19 -11.30 28.20
N ASP A 494 4.37 -10.96 26.92
CA ASP A 494 4.62 -9.56 26.58
C ASP A 494 3.47 -8.66 27.02
N GLY A 495 2.24 -9.20 27.14
CA GLY A 495 1.20 -8.47 27.84
C GLY A 495 0.39 -7.53 26.98
N PRO A 496 -0.44 -6.71 27.65
CA PRO A 496 -1.50 -5.98 26.93
C PRO A 496 -1.01 -4.92 25.98
N THR A 497 0.21 -4.41 26.16
CA THR A 497 0.75 -3.46 25.18
C THR A 497 1.03 -4.11 23.83
N HIS A 498 1.09 -5.44 23.78
CA HIS A 498 1.39 -6.18 22.56
C HIS A 498 0.22 -6.99 22.03
N GLN A 499 -0.88 -7.14 22.80
CA GLN A 499 -1.95 -8.07 22.47
C GLN A 499 -3.09 -7.36 21.75
N PRO A 500 -3.35 -7.68 20.48
CA PRO A 500 -4.45 -7.03 19.73
C PRO A 500 -5.81 -7.29 20.36
N ILE A 501 -6.66 -6.27 20.31
CA ILE A 501 -8.08 -6.37 20.68
C ILE A 501 -8.94 -5.80 19.57
N GLU A 502 -8.64 -4.58 19.17
CA GLU A 502 -9.39 -3.80 18.21
C GLU A 502 -8.90 -3.97 16.77
N THR A 503 -7.75 -4.62 16.58
CA THR A 503 -7.00 -4.47 15.35
C THR A 503 -7.72 -5.10 14.15
N LEU A 504 -8.25 -6.31 14.32
CA LEU A 504 -8.96 -6.93 13.20
C LEU A 504 -10.25 -6.19 12.88
N ALA A 505 -10.96 -5.68 13.89
CA ALA A 505 -12.16 -4.90 13.61
C ALA A 505 -11.82 -3.67 12.80
N HIS A 506 -10.75 -2.98 13.17
CA HIS A 506 -10.31 -1.80 12.44
C HIS A 506 -10.11 -2.10 10.96
N PHE A 507 -9.31 -3.13 10.67
CA PHE A 507 -8.99 -3.42 9.27
C PHE A 507 -10.15 -4.06 8.53
N ARG A 508 -10.95 -4.91 9.19
CA ARG A 508 -12.14 -5.47 8.54
C ARG A 508 -13.16 -4.39 8.22
N ALA A 509 -13.22 -3.30 9.02
CA ALA A 509 -14.11 -2.18 8.78
C ALA A 509 -13.61 -1.27 7.68
N THR A 510 -12.36 -1.40 7.26
CA THR A 510 -11.83 -0.64 6.16
C THR A 510 -12.24 -1.31 4.86
N PRO A 511 -12.78 -0.59 3.88
CA PRO A 511 -13.12 -1.24 2.60
C PRO A 511 -11.88 -1.88 1.97
N ASN A 512 -12.10 -3.03 1.33
CA ASN A 512 -11.08 -3.64 0.46
C ASN A 512 -9.82 -4.09 1.21
N ILE A 513 -9.97 -4.69 2.39
CA ILE A 513 -8.87 -5.38 3.05
C ILE A 513 -9.30 -6.81 3.36
N SER A 514 -8.62 -7.78 2.75
N SER A 514 -8.54 -7.77 2.84
CA SER A 514 -8.76 -9.17 3.17
CA SER A 514 -8.73 -9.18 3.13
C SER A 514 -7.97 -9.36 4.44
C SER A 514 -7.94 -9.51 4.39
N VAL A 515 -8.64 -9.88 5.47
CA VAL A 515 -8.03 -10.10 6.78
C VAL A 515 -8.17 -11.60 7.08
N TRP A 516 -7.12 -12.35 6.77
CA TRP A 516 -7.10 -13.79 6.95
C TRP A 516 -6.61 -14.11 8.33
N ARG A 517 -7.30 -15.01 9.01
CA ARG A 517 -6.92 -15.47 10.34
C ARG A 517 -6.99 -17.00 10.30
N PRO A 518 -6.00 -17.63 9.66
CA PRO A 518 -6.13 -19.06 9.37
C PRO A 518 -6.01 -19.89 10.64
N ALA A 519 -6.77 -20.98 10.68
CA ALA A 519 -6.77 -21.84 11.85
C ALA A 519 -5.68 -22.92 11.84
N ASP A 520 -5.18 -23.30 10.66
CA ASP A 520 -4.31 -24.48 10.59
C ASP A 520 -3.51 -24.41 9.30
N GLY A 521 -2.84 -25.52 9.00
CA GLY A 521 -1.98 -25.56 7.83
C GLY A 521 -2.71 -25.36 6.53
N ASN A 522 -3.83 -26.06 6.33
CA ASN A 522 -4.53 -25.87 5.06
C ASN A 522 -5.06 -24.45 4.91
N GLU A 523 -5.60 -23.88 6.00
CA GLU A 523 -6.10 -22.52 5.89
C GLU A 523 -4.98 -21.52 5.63
N THR A 524 -3.79 -21.76 6.18
CA THR A 524 -2.67 -20.84 5.96
C THR A 524 -2.24 -20.88 4.49
N SER A 525 -2.27 -22.07 3.88
CA SER A 525 -2.00 -22.14 2.44
C SER A 525 -3.07 -21.42 1.64
N ALA A 526 -4.34 -21.55 2.02
CA ALA A 526 -5.38 -20.81 1.31
C ALA A 526 -5.17 -19.29 1.44
N ALA A 527 -4.76 -18.84 2.62
CA ALA A 527 -4.54 -17.41 2.84
C ALA A 527 -3.44 -16.91 1.91
N TYR A 528 -2.35 -17.66 1.78
CA TYR A 528 -1.29 -17.26 0.86
C TYR A 528 -1.72 -17.37 -0.59
N LYS A 529 -2.52 -18.38 -0.95
CA LYS A 529 -3.01 -18.44 -2.32
C LYS A 529 -3.76 -17.15 -2.66
N SER A 530 -4.62 -16.70 -1.75
CA SER A 530 -5.35 -15.47 -1.94
C SER A 530 -4.43 -14.27 -2.01
N ALA A 531 -3.47 -14.18 -1.09
CA ALA A 531 -2.60 -13.00 -1.02
C ALA A 531 -1.72 -12.85 -2.24
N ILE A 532 -1.20 -13.97 -2.76
CA ILE A 532 -0.29 -13.93 -3.90
C ILE A 532 -1.06 -13.76 -5.21
N GLU A 533 -2.25 -14.36 -5.33
CA GLU A 533 -3.08 -14.17 -6.52
C GLU A 533 -3.71 -12.81 -6.61
N SER A 534 -3.79 -12.10 -5.48
CA SER A 534 -4.44 -10.80 -5.47
C SER A 534 -3.82 -9.86 -6.50
N THR A 535 -4.69 -9.08 -7.15
CA THR A 535 -4.23 -7.99 -7.98
C THR A 535 -4.77 -6.64 -7.52
N HIS A 536 -5.81 -6.61 -6.67
CA HIS A 536 -6.41 -5.33 -6.30
C HIS A 536 -6.77 -5.23 -4.83
N THR A 537 -6.37 -6.17 -4.01
CA THR A 537 -6.82 -6.18 -2.61
C THR A 537 -5.68 -6.49 -1.67
N PRO A 538 -5.32 -5.58 -0.77
CA PRO A 538 -4.29 -5.90 0.21
C PRO A 538 -4.78 -6.95 1.20
N HIS A 539 -3.81 -7.69 1.70
CA HIS A 539 -4.06 -8.77 2.65
C HIS A 539 -3.32 -8.53 3.96
N ILE A 540 -3.98 -8.87 5.06
CA ILE A 540 -3.35 -8.98 6.37
C ILE A 540 -3.56 -10.41 6.81
N LEU A 541 -2.47 -11.11 7.12
N LEU A 541 -2.46 -11.10 7.14
CA LEU A 541 -2.51 -12.48 7.61
CA LEU A 541 -2.47 -12.48 7.62
C LEU A 541 -2.22 -12.44 9.10
C LEU A 541 -2.20 -12.44 9.12
N ALA A 542 -3.23 -12.73 9.92
CA ALA A 542 -3.12 -12.72 11.37
C ALA A 542 -2.74 -14.11 11.83
N LEU A 543 -1.54 -14.24 12.39
CA LEU A 543 -0.89 -15.51 12.62
C LEU A 543 -0.53 -15.67 14.10
N THR A 544 -0.46 -16.91 14.55
CA THR A 544 -0.29 -17.18 15.96
C THR A 544 1.17 -17.39 16.35
N ARG A 545 1.45 -17.03 17.60
CA ARG A 545 2.67 -17.48 18.26
C ARG A 545 2.57 -18.94 18.64
N GLN A 546 1.41 -19.35 19.14
CA GLN A 546 1.21 -20.65 19.78
C GLN A 546 0.76 -21.72 18.77
N ASN A 547 1.02 -22.97 19.11
CA ASN A 547 0.70 -24.09 18.22
C ASN A 547 -0.80 -24.35 18.15
N LEU A 548 -1.29 -24.73 16.96
CA LEU A 548 -2.68 -25.10 16.74
C LEU A 548 -2.76 -26.44 16.04
N PRO A 549 -3.78 -27.25 16.35
CA PRO A 549 -3.89 -28.56 15.68
C PRO A 549 -4.35 -28.45 14.23
N GLN A 550 -3.99 -29.44 13.43
CA GLN A 550 -4.57 -29.56 12.09
C GLN A 550 -6.02 -30.03 12.24
N LEU A 551 -6.93 -29.36 11.55
CA LEU A 551 -8.35 -29.62 11.74
C LEU A 551 -8.88 -30.72 10.84
N GLU A 552 -9.73 -31.57 11.41
CA GLU A 552 -10.55 -32.47 10.61
C GLU A 552 -11.55 -31.64 9.80
N GLY A 553 -11.51 -31.74 8.48
CA GLY A 553 -12.44 -31.03 7.62
C GLY A 553 -11.89 -29.81 6.91
N SER A 554 -10.66 -29.39 7.22
CA SER A 554 -10.12 -28.24 6.50
C SER A 554 -9.48 -28.68 5.19
N SER A 555 -9.43 -27.75 4.23
CA SER A 555 -8.75 -27.97 2.96
C SER A 555 -8.47 -26.61 2.38
N ILE A 556 -7.50 -26.57 1.46
CA ILE A 556 -7.30 -25.33 0.71
C ILE A 556 -8.56 -24.97 -0.07
N GLU A 557 -9.18 -25.96 -0.72
CA GLU A 557 -10.38 -25.70 -1.50
C GLU A 557 -11.46 -25.02 -0.68
N LYS A 558 -11.82 -25.58 0.48
CA LYS A 558 -12.90 -24.99 1.25
C LYS A 558 -12.49 -23.66 1.85
N ALA A 559 -11.26 -23.57 2.36
CA ALA A 559 -10.84 -22.32 3.00
C ALA A 559 -10.73 -21.18 2.00
N SER A 560 -10.51 -21.51 0.72
CA SER A 560 -10.45 -20.49 -0.33
CA SER A 560 -10.43 -20.46 -0.28
C SER A 560 -11.76 -19.75 -0.51
N LYS A 561 -12.86 -20.29 0.01
CA LYS A 561 -14.14 -19.61 -0.03
C LYS A 561 -14.29 -18.57 1.08
N GLY A 562 -13.30 -18.43 1.95
CA GLY A 562 -13.31 -17.42 3.02
C GLY A 562 -14.05 -17.86 4.27
N GLY A 563 -15.16 -18.57 4.08
CA GLY A 563 -15.88 -19.19 5.17
C GLY A 563 -16.46 -20.49 4.70
N TYR A 564 -16.50 -21.51 5.56
CA TYR A 564 -16.99 -22.81 5.13
C TYR A 564 -17.47 -23.59 6.33
N THR A 565 -18.27 -24.60 6.04
CA THR A 565 -18.75 -25.51 7.07
C THR A 565 -17.66 -26.51 7.36
N LEU A 566 -17.08 -26.44 8.57
CA LEU A 566 -16.05 -27.35 8.98
C LEU A 566 -16.66 -28.64 9.51
N VAL A 567 -17.66 -28.53 10.38
CA VAL A 567 -18.40 -29.66 10.92
C VAL A 567 -19.87 -29.41 10.61
N GLN A 568 -20.44 -30.26 9.75
CA GLN A 568 -21.85 -30.19 9.38
C GLN A 568 -22.65 -31.01 10.36
N GLN A 569 -23.75 -30.45 10.85
CA GLN A 569 -24.64 -31.15 11.78
C GLN A 569 -26.07 -30.88 11.30
N ASP A 570 -26.69 -31.89 10.68
CA ASP A 570 -28.03 -31.69 10.13
C ASP A 570 -29.08 -31.34 11.18
N LYS A 571 -28.92 -31.80 12.40
CA LYS A 571 -29.96 -31.38 13.34
C LYS A 571 -29.40 -30.45 14.38
N ALA A 572 -28.63 -29.46 13.92
CA ALA A 572 -27.92 -28.60 14.83
C ALA A 572 -28.87 -27.79 15.68
N ASP A 573 -28.56 -27.74 16.97
CA ASP A 573 -29.20 -26.80 17.88
C ASP A 573 -28.52 -25.45 17.84
N ILE A 574 -27.27 -25.39 17.37
CA ILE A 574 -26.51 -24.16 17.29
C ILE A 574 -25.39 -24.40 16.31
N ILE A 575 -24.94 -23.32 15.66
CA ILE A 575 -23.71 -23.33 14.88
C ILE A 575 -22.75 -22.37 15.56
N ILE A 576 -21.50 -22.81 15.74
CA ILE A 576 -20.43 -21.95 16.25
C ILE A 576 -19.57 -21.53 15.08
N VAL A 577 -19.44 -20.22 14.88
CA VAL A 577 -18.56 -19.67 13.84
C VAL A 577 -17.34 -19.08 14.52
N ALA A 578 -16.15 -19.41 14.00
CA ALA A 578 -14.92 -19.02 14.67
C ALA A 578 -13.83 -18.82 13.63
N THR A 579 -12.73 -18.20 14.07
CA THR A 579 -11.54 -17.98 13.25
C THR A 579 -10.30 -18.42 13.98
N GLY A 580 -9.24 -18.69 13.21
CA GLY A 580 -7.93 -18.82 13.82
C GLY A 580 -7.86 -19.82 14.95
N SER A 581 -7.20 -19.43 16.02
CA SER A 581 -7.03 -20.26 17.20
C SER A 581 -8.36 -20.66 17.83
N GLU A 582 -9.45 -19.94 17.55
CA GLU A 582 -10.72 -20.30 18.19
C GLU A 582 -11.49 -21.39 17.44
N VAL A 583 -11.06 -21.80 16.25
CA VAL A 583 -11.77 -22.89 15.57
C VAL A 583 -11.58 -24.18 16.33
N SER A 584 -10.33 -24.48 16.70
CA SER A 584 -10.08 -25.69 17.49
C SER A 584 -10.81 -25.65 18.81
N LEU A 585 -10.91 -24.45 19.42
CA LEU A 585 -11.68 -24.28 20.64
C LEU A 585 -13.15 -24.62 20.41
N ALA A 586 -13.71 -24.16 19.29
CA ALA A 586 -15.10 -24.48 18.96
C ALA A 586 -15.32 -25.98 18.79
N VAL A 587 -14.38 -26.65 18.12
CA VAL A 587 -14.46 -28.11 17.94
C VAL A 587 -14.43 -28.82 19.28
N ASP A 588 -13.56 -28.36 20.19
CA ASP A 588 -13.54 -28.94 21.53
C ASP A 588 -14.84 -28.66 22.28
N ALA A 589 -15.41 -27.47 22.11
CA ALA A 589 -16.69 -27.14 22.75
C ALA A 589 -17.81 -28.02 22.23
N LEU A 590 -17.78 -28.37 20.94
CA LEU A 590 -18.79 -29.27 20.39
C LEU A 590 -18.85 -30.56 21.19
N LYS A 591 -17.70 -31.09 21.59
CA LYS A 591 -17.66 -32.32 22.37
C LYS A 591 -18.28 -32.12 23.75
N VAL A 592 -17.99 -30.99 24.41
CA VAL A 592 -18.62 -30.71 25.70
C VAL A 592 -20.13 -30.62 25.54
N LEU A 593 -20.58 -29.92 24.49
CA LEU A 593 -22.01 -29.74 24.27
C LEU A 593 -22.71 -31.06 24.02
N GLU A 594 -22.05 -31.99 23.34
CA GLU A 594 -22.67 -33.29 23.09
C GLU A 594 -23.02 -33.99 24.39
N GLY A 595 -22.19 -33.85 25.42
CA GLY A 595 -22.48 -34.41 26.73
C GLY A 595 -23.63 -33.73 27.46
N GLN A 596 -23.97 -32.52 27.06
CA GLN A 596 -25.12 -31.78 27.59
C GLN A 596 -26.37 -31.95 26.72
N GLY A 597 -26.31 -32.83 25.72
CA GLY A 597 -27.44 -33.05 24.85
C GLY A 597 -27.65 -32.00 23.78
N ILE A 598 -26.62 -31.23 23.45
CA ILE A 598 -26.73 -30.15 22.48
C ILE A 598 -25.85 -30.51 21.29
N LYS A 599 -26.44 -30.46 20.09
CA LYS A 599 -25.73 -30.76 18.85
C LYS A 599 -25.31 -29.45 18.19
N ALA A 600 -24.02 -29.30 17.93
CA ALA A 600 -23.49 -28.10 17.30
C ALA A 600 -22.83 -28.41 15.96
N GLY A 601 -22.94 -27.47 15.03
CA GLY A 601 -22.06 -27.41 13.87
C GLY A 601 -20.95 -26.39 14.10
N VAL A 602 -19.90 -26.45 13.27
CA VAL A 602 -18.81 -25.49 13.32
C VAL A 602 -18.58 -24.92 11.93
N VAL A 603 -18.47 -23.60 11.85
CA VAL A 603 -18.07 -22.86 10.67
C VAL A 603 -16.72 -22.20 10.95
N SER A 604 -15.78 -22.35 10.01
CA SER A 604 -14.53 -21.61 10.05
C SER A 604 -14.63 -20.46 9.07
N LEU A 605 -14.24 -19.26 9.52
CA LEU A 605 -14.37 -18.04 8.73
C LEU A 605 -13.01 -17.35 8.58
N PRO A 606 -12.06 -18.00 7.89
CA PRO A 606 -10.71 -17.43 7.82
C PRO A 606 -10.61 -16.05 7.17
N ASP A 607 -11.48 -15.69 6.23
CA ASP A 607 -11.47 -14.31 5.71
C ASP A 607 -12.89 -13.84 5.46
N GLN A 608 -13.33 -12.84 6.22
CA GLN A 608 -14.68 -12.28 6.07
C GLN A 608 -14.87 -11.63 4.71
N LEU A 609 -13.85 -10.95 4.16
CA LEU A 609 -14.05 -10.29 2.88
C LEU A 609 -14.29 -11.33 1.77
N THR A 610 -13.41 -12.34 1.70
CA THR A 610 -13.59 -13.38 0.70
C THR A 610 -14.94 -14.08 0.85
N PHE A 611 -15.35 -14.34 2.09
CA PHE A 611 -16.66 -14.96 2.31
C PHE A 611 -17.76 -14.07 1.78
N ASP A 612 -17.71 -12.77 2.11
CA ASP A 612 -18.75 -11.84 1.69
C ASP A 612 -18.90 -11.82 0.18
N LYS A 613 -17.82 -12.05 -0.57
CA LYS A 613 -17.87 -12.03 -2.02
C LYS A 613 -18.43 -13.30 -2.64
N GLN A 614 -18.68 -14.34 -1.86
CA GLN A 614 -19.27 -15.56 -2.40
C GLN A 614 -20.75 -15.33 -2.72
N SER A 615 -21.35 -16.27 -3.46
CA SER A 615 -22.76 -16.13 -3.81
C SER A 615 -23.63 -16.18 -2.57
N GLU A 616 -24.81 -15.56 -2.66
CA GLU A 616 -25.75 -15.56 -1.54
C GLU A 616 -26.13 -16.98 -1.16
N GLU A 617 -26.33 -17.85 -2.16
CA GLU A 617 -26.66 -19.24 -1.88
C GLU A 617 -25.54 -19.96 -1.15
N TYR A 618 -24.28 -19.75 -1.58
CA TYR A 618 -23.17 -20.38 -0.85
C TYR A 618 -23.15 -19.88 0.59
N LYS A 619 -23.28 -18.57 0.77
CA LYS A 619 -23.16 -18.04 2.13
C LYS A 619 -24.27 -18.58 3.03
N LEU A 620 -25.49 -18.69 2.49
CA LEU A 620 -26.60 -19.25 3.27
C LEU A 620 -26.42 -20.74 3.55
N SER A 621 -25.67 -21.46 2.71
CA SER A 621 -25.38 -22.87 3.01
C SER A 621 -24.46 -22.98 4.22
N VAL A 622 -23.66 -21.95 4.47
CA VAL A 622 -22.75 -21.92 5.61
C VAL A 622 -23.45 -21.38 6.87
N LEU A 623 -24.26 -20.34 6.70
CA LEU A 623 -24.97 -19.69 7.80
C LEU A 623 -26.46 -19.74 7.49
N PRO A 624 -27.11 -20.89 7.68
CA PRO A 624 -28.50 -21.05 7.25
C PRO A 624 -29.48 -20.37 8.21
N ASP A 625 -30.73 -20.26 7.74
CA ASP A 625 -31.84 -19.86 8.59
C ASP A 625 -32.16 -21.00 9.57
N GLY A 626 -32.88 -20.65 10.64
CA GLY A 626 -33.49 -21.65 11.49
C GLY A 626 -32.61 -22.20 12.58
N VAL A 627 -31.45 -21.61 12.83
CA VAL A 627 -30.55 -22.11 13.87
C VAL A 627 -29.77 -20.95 14.48
N PRO A 628 -29.70 -20.86 15.80
CA PRO A 628 -28.86 -19.82 16.41
C PRO A 628 -27.40 -20.01 16.07
N ILE A 629 -26.70 -18.89 15.89
CA ILE A 629 -25.29 -18.89 15.55
C ILE A 629 -24.53 -18.06 16.56
N LEU A 630 -23.47 -18.64 17.13
CA LEU A 630 -22.61 -17.98 18.11
C LEU A 630 -21.23 -17.81 17.51
N SER A 631 -20.69 -16.59 17.53
CA SER A 631 -19.30 -16.38 17.10
C SER A 631 -18.34 -16.48 18.28
N VAL A 632 -17.12 -16.96 18.00
CA VAL A 632 -16.05 -17.05 18.99
C VAL A 632 -14.74 -16.58 18.34
N GLU A 633 -14.16 -15.51 18.90
CA GLU A 633 -12.88 -14.97 18.43
C GLU A 633 -12.36 -14.13 19.58
N VAL A 634 -11.09 -14.32 19.98
CA VAL A 634 -10.58 -13.72 21.22
C VAL A 634 -10.13 -12.26 21.03
N MET A 635 -10.96 -11.45 20.39
CA MET A 635 -10.74 -10.02 20.26
CA MET A 635 -10.74 -10.01 20.26
C MET A 635 -12.09 -9.33 20.10
N SER A 636 -12.13 -8.10 19.62
CA SER A 636 -13.38 -7.35 19.62
C SER A 636 -14.51 -8.12 18.96
N THR A 637 -15.72 -7.95 19.48
CA THR A 637 -16.91 -8.48 18.84
C THR A 637 -17.43 -7.61 17.70
N PHE A 638 -16.82 -6.46 17.43
CA PHE A 638 -17.32 -5.63 16.32
C PHE A 638 -17.25 -6.38 14.99
N GLY A 639 -18.31 -6.22 14.19
CA GLY A 639 -18.43 -6.85 12.91
C GLY A 639 -19.08 -8.22 12.96
N TRP A 640 -19.01 -8.90 14.09
CA TRP A 640 -19.39 -10.32 14.13
C TRP A 640 -20.89 -10.54 14.00
N SER A 641 -21.70 -9.54 14.30
CA SER A 641 -23.13 -9.67 14.08
C SER A 641 -23.51 -9.84 12.61
N LYS A 642 -22.60 -9.57 11.67
CA LYS A 642 -22.86 -9.90 10.27
C LYS A 642 -23.10 -11.40 10.11
N TYR A 643 -22.54 -12.22 10.99
CA TYR A 643 -22.43 -13.66 10.79
C TYR A 643 -23.04 -14.45 11.94
N SER A 644 -23.49 -13.80 13.00
CA SER A 644 -23.90 -14.51 14.20
C SER A 644 -25.00 -13.74 14.90
N HIS A 645 -25.76 -14.47 15.72
CA HIS A 645 -26.77 -13.87 16.58
C HIS A 645 -26.19 -13.41 17.92
N GLN A 646 -25.25 -14.16 18.47
CA GLN A 646 -24.60 -13.85 19.73
C GLN A 646 -23.10 -13.94 19.50
N GLN A 647 -22.33 -13.15 20.26
CA GLN A 647 -20.89 -13.03 20.04
C GLN A 647 -20.14 -13.22 21.35
N PHE A 648 -19.20 -14.16 21.37
CA PHE A 648 -18.27 -14.33 22.47
C PHE A 648 -16.92 -13.81 22.00
N GLY A 649 -16.52 -12.67 22.54
CA GLY A 649 -15.25 -12.08 22.20
C GLY A 649 -14.59 -11.47 23.41
N LEU A 650 -13.53 -10.70 23.17
CA LEU A 650 -12.73 -10.06 24.21
C LEU A 650 -12.73 -8.57 23.89
N ASN A 651 -13.42 -7.78 24.73
CA ASN A 651 -13.62 -6.35 24.52
C ASN A 651 -12.94 -5.52 25.60
N ARG A 652 -11.92 -6.09 26.24
CA ARG A 652 -11.09 -5.41 27.23
C ARG A 652 -9.65 -5.73 26.88
N PHE A 653 -8.69 -4.97 27.44
CA PHE A 653 -7.29 -5.24 27.18
C PHE A 653 -6.87 -6.56 27.84
N GLY A 654 -5.71 -7.07 27.40
CA GLY A 654 -5.22 -8.36 27.83
C GLY A 654 -4.49 -8.35 29.15
N ALA A 655 -3.45 -9.17 29.24
CA ALA A 655 -2.78 -9.42 30.52
C ALA A 655 -1.39 -10.00 30.24
N SER A 656 -0.48 -9.84 31.19
CA SER A 656 0.86 -10.38 31.04
C SER A 656 0.96 -11.67 31.85
N GLY A 657 1.04 -12.80 31.14
CA GLY A 657 1.16 -14.09 31.81
C GLY A 657 1.28 -15.15 30.74
N LYS A 658 1.43 -16.39 31.18
CA LYS A 658 1.47 -17.52 30.24
C LYS A 658 0.15 -17.60 29.49
N ALA A 659 0.22 -17.74 28.18
CA ALA A 659 -1.00 -17.67 27.35
C ALA A 659 -2.12 -18.59 27.80
N PRO A 660 -1.90 -19.87 28.12
CA PRO A 660 -3.03 -20.72 28.53
C PRO A 660 -3.75 -20.20 29.75
N GLU A 661 -3.01 -19.55 30.67
CA GLU A 661 -3.65 -18.97 31.84
C GLU A 661 -4.50 -17.77 31.47
N ILE A 662 -4.11 -17.01 30.45
CA ILE A 662 -4.93 -15.86 30.05
C ILE A 662 -6.22 -16.36 29.41
N PHE A 663 -6.13 -17.37 28.54
CA PHE A 663 -7.35 -17.93 27.96
C PHE A 663 -8.29 -18.43 29.05
N LYS A 664 -7.75 -19.08 30.08
CA LYS A 664 -8.59 -19.56 31.16
C LYS A 664 -9.23 -18.40 31.91
N LEU A 665 -8.46 -17.34 32.19
CA LEU A 665 -8.98 -16.17 32.90
C LEU A 665 -10.20 -15.60 32.20
N PHE A 666 -10.16 -15.52 30.87
CA PHE A 666 -11.24 -14.93 30.10
C PHE A 666 -12.28 -15.96 29.65
N GLU A 667 -12.15 -17.21 30.09
CA GLU A 667 -13.12 -18.27 29.85
C GLU A 667 -13.19 -18.69 28.39
N PHE A 668 -12.12 -18.44 27.64
CA PHE A 668 -11.98 -19.00 26.29
C PHE A 668 -11.43 -20.42 26.42
N THR A 669 -12.30 -21.29 26.90
CA THR A 669 -12.06 -22.70 27.15
C THR A 669 -13.22 -23.48 26.56
N PRO A 670 -13.05 -24.79 26.35
CA PRO A 670 -14.18 -25.56 25.81
C PRO A 670 -15.43 -25.43 26.68
N GLU A 671 -15.26 -25.42 28.00
CA GLU A 671 -16.40 -25.29 28.90
C GLU A 671 -17.00 -23.89 28.85
N GLY A 672 -16.17 -22.85 28.74
CA GLY A 672 -16.70 -21.50 28.66
C GLY A 672 -17.48 -21.27 27.39
N VAL A 673 -16.98 -21.79 26.26
CA VAL A 673 -17.71 -21.68 25.00
C VAL A 673 -18.99 -22.49 25.07
N ALA A 674 -18.92 -23.70 25.62
CA ALA A 674 -20.13 -24.53 25.72
C ALA A 674 -21.19 -23.84 26.57
N GLU A 675 -20.77 -23.21 27.68
CA GLU A 675 -21.75 -22.54 28.54
C GLU A 675 -22.48 -21.45 27.78
N ARG A 676 -21.75 -20.66 27.00
CA ARG A 676 -22.37 -19.58 26.25
C ARG A 676 -23.20 -20.14 25.09
N ALA A 677 -22.77 -21.24 24.49
CA ALA A 677 -23.58 -21.89 23.47
C ALA A 677 -24.89 -22.41 24.05
N ALA A 678 -24.84 -23.03 25.24
CA ALA A 678 -26.07 -23.51 25.86
C ALA A 678 -27.00 -22.35 26.21
N LYS A 679 -26.43 -21.25 26.70
CA LYS A 679 -27.26 -20.08 26.99
C LYS A 679 -27.88 -19.52 25.73
N THR A 680 -27.14 -19.56 24.61
CA THR A 680 -27.67 -19.10 23.33
C THR A 680 -28.84 -19.97 22.88
N VAL A 681 -28.69 -21.30 22.95
CA VAL A 681 -29.81 -22.19 22.62
C VAL A 681 -31.03 -21.84 23.47
N ALA A 682 -30.82 -21.64 24.78
CA ALA A 682 -31.95 -21.36 25.66
C ALA A 682 -32.59 -20.02 25.32
N PHE A 683 -31.78 -19.01 24.97
CA PHE A 683 -32.29 -17.67 24.69
C PHE A 683 -33.22 -17.67 23.48
N TYR A 684 -32.99 -18.56 22.53
CA TYR A 684 -33.80 -18.62 21.30
C TYR A 684 -34.90 -19.68 21.35
N LYS A 685 -35.05 -20.40 22.46
CA LYS A 685 -36.18 -21.32 22.58
C LYS A 685 -37.49 -20.57 22.39
N GLY A 686 -38.35 -21.09 21.52
CA GLY A 686 -39.62 -20.45 21.25
C GLY A 686 -39.56 -19.26 20.32
N LYS A 687 -38.39 -18.94 19.76
CA LYS A 687 -38.24 -17.83 18.84
C LYS A 687 -38.00 -18.37 17.43
N ASP A 688 -38.41 -17.58 16.44
CA ASP A 688 -38.09 -17.88 15.05
C ASP A 688 -36.79 -17.17 14.69
N VAL A 689 -35.83 -17.92 14.18
CA VAL A 689 -34.47 -17.44 13.97
C VAL A 689 -34.18 -17.49 12.47
N VAL A 690 -33.72 -16.37 11.90
CA VAL A 690 -33.29 -16.36 10.51
C VAL A 690 -31.81 -16.04 10.46
N SER A 691 -31.20 -16.36 9.32
CA SER A 691 -29.76 -16.20 9.19
C SER A 691 -29.35 -14.76 9.50
N PRO A 692 -28.19 -14.56 10.16
CA PRO A 692 -27.63 -13.20 10.27
C PRO A 692 -27.38 -12.56 8.92
N LEU A 693 -27.28 -13.36 7.86
CA LEU A 693 -27.08 -12.81 6.52
C LEU A 693 -28.31 -12.10 5.98
N ARG A 694 -29.49 -12.34 6.54
CA ARG A 694 -30.69 -11.66 6.07
C ARG A 694 -30.67 -10.21 6.53
N SER A 695 -31.35 -9.35 5.77
N SER A 695 -31.29 -9.34 5.76
CA SER A 695 -31.30 -7.90 5.98
CA SER A 695 -31.43 -7.96 6.18
C SER A 695 -32.56 -7.28 5.39
C SER A 695 -32.65 -7.35 5.51
N ALA A 696 -33.02 -6.18 6.01
CA ALA A 696 -34.21 -5.50 5.52
C ALA A 696 -33.95 -4.73 4.23
N PHE A 697 -32.70 -4.39 3.95
CA PHE A 697 -32.35 -3.60 2.79
C PHE A 697 -30.86 -3.80 2.54
C5 P23 B . 3.97 17.02 1.77
C6 P23 B . 4.41 18.34 2.40
C7 P23 B . 3.58 19.62 2.07
O7 P23 B . 3.62 20.46 3.26
PA P23 B . 3.09 22.01 3.37
O1A P23 B . 2.09 22.24 4.45
O2A P23 B . 4.40 22.90 3.64
O3A P23 B . 2.52 22.45 1.90
PB P23 B . 2.43 24.00 1.39
O1B P23 B . 1.87 23.86 -0.11
O2B P23 B . 3.93 24.57 1.20
O3B P23 B . 1.57 24.91 2.21
CA CA C . 5.50 24.54 2.82
C1 PEG D . 22.71 -2.83 -12.49
O1 PEG D . 21.78 -1.78 -12.37
C2 PEG D . 21.96 -4.16 -12.53
O2 PEG D . 22.85 -5.18 -12.88
C3 PEG D . 23.30 -5.06 -14.20
C4 PEG D . 24.22 -6.22 -14.59
O4 PEG D . 24.73 -5.99 -15.87
C1 PEG E . 6.85 -5.01 -25.49
O1 PEG E . 6.33 -5.19 -26.77
C2 PEG E . 6.01 -5.80 -24.49
O2 PEG E . 6.04 -5.18 -23.23
C3 PEG E . 5.32 -5.87 -22.24
C4 PEG E . 3.87 -6.06 -22.67
O4 PEG E . 3.00 -5.63 -21.65
C1 PEG F . 27.74 10.86 6.98
O1 PEG F . 27.21 11.10 5.69
C2 PEG F . 27.16 9.56 7.53
O2 PEG F . 25.92 9.32 6.93
C3 PEG F . 25.32 8.12 7.31
C4 PEG F . 25.82 7.05 6.35
O4 PEG F . 26.64 6.18 7.05
N1 8GF G . -1.97 15.27 8.15
C2 8GF G . -1.82 14.37 7.17
C4 8GF G . -2.69 15.78 5.67
C5 8GF G . -2.90 16.76 6.65
C6 8GF G . -2.52 16.45 7.94
CAC 8GF G . -1.20 13.03 7.50
N3 8GF G . -2.13 14.58 5.90
NAF 8GF G . -3.06 16.06 4.30
#